data_2LZP
#
_entry.id   2LZP
#
_entity_poly.entity_id   1
_entity_poly.type   'polypeptide(L)'
_entity_poly.pdbx_seq_one_letter_code
;DTEIIGGLTIPPVVALVVMSRFGFFAHLLPR
;
_entity_poly.pdbx_strand_id   A
#
# COMPACT_ATOMS: atom_id res chain seq x y z
N ASP A 1 16.10 -16.48 3.06
CA ASP A 1 17.10 -15.83 2.16
C ASP A 1 16.52 -14.53 1.58
N THR A 2 16.56 -13.46 2.35
CA THR A 2 16.01 -12.16 1.86
C THR A 2 16.80 -10.99 2.47
N GLU A 3 17.87 -10.59 1.83
CA GLU A 3 18.68 -9.45 2.36
C GLU A 3 18.12 -8.12 1.85
N ILE A 4 17.89 -8.03 0.56
CA ILE A 4 17.33 -6.77 -0.01
C ILE A 4 15.88 -6.98 -0.44
N ILE A 5 15.57 -8.10 -1.03
CA ILE A 5 14.16 -8.37 -1.46
C ILE A 5 13.39 -9.04 -0.32
N GLY A 6 12.28 -8.48 0.06
CA GLY A 6 11.46 -9.07 1.16
C GLY A 6 10.20 -9.72 0.60
N GLY A 7 9.29 -8.94 0.09
CA GLY A 7 8.03 -9.50 -0.49
C GLY A 7 7.38 -8.48 -1.42
N LEU A 8 7.88 -8.34 -2.61
CA LEU A 8 7.27 -7.35 -3.58
C LEU A 8 6.21 -8.03 -4.47
N THR A 9 5.81 -9.23 -4.14
CA THR A 9 4.78 -9.93 -4.97
C THR A 9 3.38 -9.70 -4.36
N ILE A 10 2.94 -8.47 -4.35
CA ILE A 10 1.60 -8.16 -3.77
C ILE A 10 0.70 -7.50 -4.85
N PRO A 11 -0.59 -7.57 -4.63
CA PRO A 11 -1.55 -6.98 -5.59
C PRO A 11 -1.64 -5.45 -5.42
N PRO A 12 -2.24 -4.81 -6.39
CA PRO A 12 -2.39 -3.32 -6.34
C PRO A 12 -3.32 -2.89 -5.21
N VAL A 13 -4.27 -3.72 -4.85
CA VAL A 13 -5.21 -3.36 -3.74
C VAL A 13 -4.45 -3.29 -2.41
N VAL A 14 -3.50 -4.17 -2.20
CA VAL A 14 -2.72 -4.15 -0.93
C VAL A 14 -1.77 -2.94 -0.93
N ALA A 15 -1.04 -2.75 -2.02
CA ALA A 15 -0.11 -1.59 -2.09
C ALA A 15 -0.88 -0.27 -1.95
N LEU A 16 -2.08 -0.22 -2.50
CA LEU A 16 -2.90 1.03 -2.39
C LEU A 16 -3.27 1.29 -0.93
N VAL A 17 -3.62 0.26 -0.19
CA VAL A 17 -4.00 0.45 1.25
C VAL A 17 -2.76 0.88 2.06
N VAL A 18 -1.58 0.47 1.66
CA VAL A 18 -0.34 0.87 2.39
C VAL A 18 0.01 2.34 2.09
N MET A 19 -0.14 2.75 0.85
CA MET A 19 0.18 4.16 0.48
C MET A 19 -0.77 5.14 1.19
N SER A 20 -2.05 4.85 1.18
CA SER A 20 -3.04 5.75 1.87
C SER A 20 -2.75 5.82 3.37
N ARG A 21 -2.39 4.71 3.97
CA ARG A 21 -2.08 4.70 5.44
C ARG A 21 -0.88 5.62 5.74
N PHE A 22 0.13 5.57 4.91
CA PHE A 22 1.33 6.45 5.12
C PHE A 22 0.91 7.93 5.06
N GLY A 23 0.16 8.31 4.05
CA GLY A 23 -0.28 9.73 3.92
C GLY A 23 -1.22 10.08 5.08
N PHE A 24 -1.98 9.13 5.56
CA PHE A 24 -2.92 9.40 6.70
C PHE A 24 -2.13 9.91 7.92
N PHE A 25 -1.18 9.14 8.39
CA PHE A 25 -0.37 9.59 9.57
C PHE A 25 0.39 10.88 9.26
N ALA A 26 0.84 11.03 8.03
CA ALA A 26 1.60 12.28 7.66
C ALA A 26 0.67 13.51 7.79
N HIS A 27 -0.56 13.38 7.38
CA HIS A 27 -1.51 14.54 7.49
C HIS A 27 -2.10 14.62 8.90
N LEU A 28 -2.46 13.50 9.47
CA LEU A 28 -3.04 13.51 10.86
C LEU A 28 -1.98 13.94 11.88
N LEU A 29 -0.79 13.37 11.79
CA LEU A 29 0.31 13.73 12.74
C LEU A 29 -0.07 13.37 14.19
N PRO A 30 0.90 13.43 15.07
CA PRO A 30 0.65 13.12 16.50
C PRO A 30 -0.14 14.26 17.16
N ARG A 31 -1.41 14.34 16.88
CA ARG A 31 -2.25 15.42 17.48
C ARG A 31 -3.59 14.84 17.97
N ASP A 1 4.33 -5.68 -16.23
CA ASP A 1 5.38 -6.42 -17.00
C ASP A 1 6.79 -5.83 -16.74
N THR A 2 6.95 -5.09 -15.65
CA THR A 2 8.30 -4.50 -15.36
C THR A 2 8.80 -4.99 -13.99
N GLU A 3 10.07 -5.29 -13.89
CA GLU A 3 10.65 -5.79 -12.59
C GLU A 3 9.86 -7.00 -12.09
N ILE A 4 10.06 -8.15 -12.70
CA ILE A 4 9.33 -9.38 -12.27
C ILE A 4 10.19 -10.62 -12.51
N ILE A 5 9.95 -11.69 -11.79
CA ILE A 5 10.78 -12.92 -11.98
C ILE A 5 10.08 -13.85 -12.99
N GLY A 6 9.19 -14.70 -12.53
CA GLY A 6 8.47 -15.62 -13.46
C GLY A 6 7.00 -15.22 -13.54
N GLY A 7 6.30 -15.27 -12.43
CA GLY A 7 4.86 -14.87 -12.42
C GLY A 7 4.65 -13.75 -11.41
N LEU A 8 4.72 -14.05 -10.14
CA LEU A 8 4.53 -13.01 -9.08
C LEU A 8 3.12 -12.39 -9.19
N THR A 9 2.11 -13.11 -8.77
CA THR A 9 0.72 -12.58 -8.86
C THR A 9 0.43 -11.68 -7.63
N ILE A 10 1.22 -10.65 -7.45
CA ILE A 10 1.00 -9.73 -6.29
C ILE A 10 -0.19 -8.79 -6.57
N PRO A 11 -1.04 -8.63 -5.57
CA PRO A 11 -2.22 -7.76 -5.72
C PRO A 11 -1.83 -6.28 -5.49
N PRO A 12 -2.26 -5.43 -6.39
CA PRO A 12 -1.96 -3.98 -6.28
C PRO A 12 -2.82 -3.32 -5.17
N VAL A 13 -3.93 -3.92 -4.82
CA VAL A 13 -4.81 -3.32 -3.75
C VAL A 13 -4.07 -3.24 -2.41
N VAL A 14 -3.40 -4.30 -2.01
CA VAL A 14 -2.65 -4.26 -0.71
C VAL A 14 -1.61 -3.13 -0.71
N ALA A 15 -0.99 -2.88 -1.85
CA ALA A 15 0.02 -1.78 -1.92
C ALA A 15 -0.69 -0.42 -1.91
N LEU A 16 -1.83 -0.34 -2.56
CA LEU A 16 -2.59 0.95 -2.59
C LEU A 16 -3.12 1.29 -1.18
N VAL A 17 -3.56 0.29 -0.45
CA VAL A 17 -4.07 0.54 0.93
C VAL A 17 -2.95 1.12 1.80
N VAL A 18 -1.78 0.51 1.76
CA VAL A 18 -0.63 1.03 2.57
C VAL A 18 -0.33 2.48 2.18
N MET A 19 -0.44 2.81 0.92
CA MET A 19 -0.17 4.22 0.48
C MET A 19 -1.19 5.18 1.11
N SER A 20 -2.45 4.78 1.16
CA SER A 20 -3.49 5.66 1.77
C SER A 20 -3.17 5.91 3.25
N ARG A 21 -2.81 4.88 3.97
CA ARG A 21 -2.47 5.05 5.43
C ARG A 21 -1.25 5.97 5.56
N PHE A 22 -0.29 5.84 4.67
CA PHE A 22 0.93 6.72 4.73
C PHE A 22 0.52 8.19 4.58
N GLY A 23 -0.38 8.49 3.68
CA GLY A 23 -0.84 9.90 3.49
C GLY A 23 -1.53 10.39 4.76
N PHE A 24 -2.30 9.54 5.39
CA PHE A 24 -2.99 9.95 6.66
C PHE A 24 -1.97 10.10 7.79
N PHE A 25 -1.05 9.16 7.91
CA PHE A 25 -0.01 9.24 8.97
C PHE A 25 0.83 10.51 8.83
N ALA A 26 0.98 11.01 7.61
CA ALA A 26 1.78 12.26 7.40
C ALA A 26 1.19 13.42 8.22
N HIS A 27 -0.10 13.42 8.44
CA HIS A 27 -0.72 14.51 9.25
C HIS A 27 -1.12 14.01 10.64
N LEU A 28 -0.51 12.93 11.10
CA LEU A 28 -0.84 12.40 12.45
C LEU A 28 0.15 12.93 13.50
N LEU A 29 1.39 13.13 13.12
CA LEU A 29 2.39 13.67 14.09
C LEU A 29 3.20 14.81 13.45
N PRO A 30 3.78 15.63 14.29
CA PRO A 30 4.59 16.78 13.81
C PRO A 30 6.05 16.37 13.53
N ARG A 31 6.31 15.09 13.37
CA ARG A 31 7.72 14.61 13.09
C ARG A 31 8.65 14.99 14.25
N ASP A 1 16.59 -19.52 -9.39
CA ASP A 1 16.01 -19.71 -8.03
C ASP A 1 15.65 -18.35 -7.42
N THR A 2 14.64 -18.31 -6.58
CA THR A 2 14.20 -17.03 -5.94
C THR A 2 13.88 -15.98 -7.03
N GLU A 3 13.01 -16.32 -7.94
CA GLU A 3 12.63 -15.36 -9.03
C GLU A 3 11.47 -14.47 -8.58
N ILE A 4 11.69 -13.19 -8.47
CA ILE A 4 10.60 -12.25 -8.04
C ILE A 4 9.81 -11.75 -9.25
N ILE A 5 9.14 -12.65 -9.94
CA ILE A 5 8.34 -12.22 -11.14
C ILE A 5 6.93 -11.81 -10.72
N GLY A 6 6.48 -10.66 -11.16
CA GLY A 6 5.11 -10.18 -10.79
C GLY A 6 4.16 -10.39 -11.98
N GLY A 7 3.22 -11.30 -11.85
CA GLY A 7 2.27 -11.54 -12.97
C GLY A 7 0.83 -11.40 -12.48
N LEU A 8 0.20 -12.48 -12.11
CA LEU A 8 -1.21 -12.40 -11.61
C LEU A 8 -1.31 -12.84 -10.14
N THR A 9 -0.25 -12.67 -9.38
CA THR A 9 -0.27 -13.07 -7.95
C THR A 9 0.17 -11.88 -7.07
N ILE A 10 -0.50 -10.76 -7.20
CA ILE A 10 -0.13 -9.57 -6.38
C ILE A 10 -1.40 -8.79 -5.97
N PRO A 11 -1.46 -8.41 -4.71
CA PRO A 11 -2.64 -7.67 -4.19
C PRO A 11 -2.52 -6.17 -4.52
N PRO A 12 -3.43 -5.69 -5.34
CA PRO A 12 -3.43 -4.25 -5.72
C PRO A 12 -3.94 -3.38 -4.57
N VAL A 13 -4.93 -3.83 -3.84
CA VAL A 13 -5.47 -3.03 -2.69
C VAL A 13 -4.42 -2.90 -1.59
N VAL A 14 -3.72 -3.99 -1.28
CA VAL A 14 -2.68 -3.92 -0.22
C VAL A 14 -1.61 -2.87 -0.58
N ALA A 15 -1.28 -2.75 -1.84
CA ALA A 15 -0.26 -1.74 -2.25
C ALA A 15 -0.84 -0.33 -2.12
N LEU A 16 -2.09 -0.14 -2.48
CA LEU A 16 -2.72 1.21 -2.38
C LEU A 16 -3.06 1.53 -0.92
N VAL A 17 -3.48 0.55 -0.16
CA VAL A 17 -3.83 0.79 1.28
C VAL A 17 -2.57 1.17 2.09
N VAL A 18 -1.39 0.95 1.55
CA VAL A 18 -0.15 1.31 2.28
C VAL A 18 0.40 2.65 1.77
N MET A 19 0.41 2.84 0.46
CA MET A 19 0.93 4.12 -0.10
C MET A 19 0.08 5.30 0.37
N SER A 20 -1.22 5.21 0.25
CA SER A 20 -2.11 6.33 0.70
C SER A 20 -2.06 6.46 2.23
N ARG A 21 -2.07 5.34 2.93
CA ARG A 21 -2.03 5.39 4.42
C ARG A 21 -0.71 6.02 4.91
N PHE A 22 0.37 5.78 4.22
CA PHE A 22 1.69 6.37 4.63
C PHE A 22 1.55 7.91 4.71
N GLY A 23 0.91 8.51 3.74
CA GLY A 23 0.74 9.99 3.75
C GLY A 23 -0.43 10.35 4.66
N PHE A 24 -1.45 9.53 4.71
CA PHE A 24 -2.63 9.83 5.59
C PHE A 24 -2.24 9.77 7.07
N PHE A 25 -1.49 8.76 7.46
CA PHE A 25 -1.06 8.63 8.90
C PHE A 25 -0.43 9.94 9.40
N ALA A 26 0.26 10.66 8.55
CA ALA A 26 0.90 11.95 8.96
C ALA A 26 -0.16 12.92 9.50
N HIS A 27 -1.35 12.90 8.96
CA HIS A 27 -2.42 13.83 9.45
C HIS A 27 -3.71 13.05 9.77
N LEU A 28 -3.60 11.82 10.18
CA LEU A 28 -4.81 11.02 10.50
C LEU A 28 -5.03 10.95 12.02
N LEU A 29 -3.97 10.91 12.80
CA LEU A 29 -4.13 10.84 14.29
C LEU A 29 -3.47 12.05 14.96
N PRO A 30 -4.17 13.16 14.95
CA PRO A 30 -3.66 14.41 15.58
C PRO A 30 -3.79 14.33 17.11
N ARG A 31 -3.18 13.35 17.72
CA ARG A 31 -3.28 13.21 19.21
C ARG A 31 -1.95 12.67 19.78
N ASP A 1 16.93 -14.51 -15.91
CA ASP A 1 16.17 -13.94 -17.07
C ASP A 1 14.69 -13.81 -16.72
N THR A 2 14.16 -12.61 -16.75
CA THR A 2 12.71 -12.40 -16.44
C THR A 2 12.08 -11.43 -17.44
N GLU A 3 11.25 -11.93 -18.33
CA GLU A 3 10.59 -11.04 -19.34
C GLU A 3 9.07 -11.15 -19.24
N ILE A 4 8.55 -11.54 -18.10
CA ILE A 4 7.06 -11.67 -17.93
C ILE A 4 6.55 -10.57 -17.00
N ILE A 5 6.44 -9.35 -17.49
CA ILE A 5 5.96 -8.20 -16.65
C ILE A 5 6.97 -7.90 -15.53
N GLY A 6 6.90 -6.73 -14.97
CA GLY A 6 7.85 -6.36 -13.86
C GLY A 6 7.55 -7.25 -12.65
N GLY A 7 6.43 -7.03 -12.01
CA GLY A 7 6.06 -7.87 -10.82
C GLY A 7 4.76 -8.62 -11.12
N LEU A 8 4.60 -9.10 -12.34
CA LEU A 8 3.36 -9.85 -12.72
C LEU A 8 2.10 -9.04 -12.34
N THR A 9 2.15 -7.73 -12.50
CA THR A 9 0.97 -6.86 -12.17
C THR A 9 0.55 -7.07 -10.70
N ILE A 10 1.17 -6.35 -9.80
CA ILE A 10 0.84 -6.49 -8.35
C ILE A 10 -0.56 -5.90 -8.06
N PRO A 11 -1.14 -6.34 -6.97
CA PRO A 11 -2.49 -5.85 -6.57
C PRO A 11 -2.43 -4.40 -6.10
N PRO A 12 -3.20 -3.55 -6.76
CA PRO A 12 -3.23 -2.11 -6.39
C PRO A 12 -3.93 -1.90 -5.05
N VAL A 13 -4.94 -2.69 -4.76
CA VAL A 13 -5.66 -2.54 -3.46
C VAL A 13 -4.72 -2.81 -2.28
N VAL A 14 -3.78 -3.73 -2.45
CA VAL A 14 -2.81 -4.02 -1.34
C VAL A 14 -1.80 -2.88 -1.23
N ALA A 15 -1.28 -2.43 -2.35
CA ALA A 15 -0.28 -1.31 -2.33
C ALA A 15 -0.92 -0.04 -1.74
N LEU A 16 -2.18 0.19 -2.01
CA LEU A 16 -2.86 1.40 -1.46
C LEU A 16 -3.00 1.29 0.07
N VAL A 17 -3.35 0.13 0.57
CA VAL A 17 -3.50 -0.05 2.05
C VAL A 17 -2.14 0.19 2.75
N VAL A 18 -1.05 0.04 2.05
CA VAL A 18 0.29 0.26 2.68
C VAL A 18 0.78 1.69 2.39
N MET A 19 0.54 2.18 1.20
CA MET A 19 1.01 3.57 0.86
C MET A 19 0.06 4.63 1.41
N SER A 20 -1.22 4.51 1.17
CA SER A 20 -2.19 5.53 1.69
C SER A 20 -2.14 5.60 3.22
N ARG A 21 -1.96 4.47 3.87
CA ARG A 21 -1.90 4.48 5.37
C ARG A 21 -0.81 5.45 5.85
N PHE A 22 0.36 5.37 5.27
CA PHE A 22 1.47 6.31 5.68
C PHE A 22 1.07 7.76 5.36
N GLY A 23 0.51 7.98 4.18
CA GLY A 23 0.09 9.36 3.80
C GLY A 23 -1.00 9.85 4.78
N PHE A 24 -1.94 9.00 5.10
CA PHE A 24 -3.03 9.41 6.06
C PHE A 24 -2.41 9.79 7.41
N PHE A 25 -1.41 9.08 7.86
CA PHE A 25 -0.76 9.41 9.15
C PHE A 25 -0.15 10.81 9.10
N ALA A 26 0.36 11.21 7.95
CA ALA A 26 0.96 12.57 7.83
C ALA A 26 -0.12 13.61 7.51
N HIS A 27 -1.11 13.25 6.72
CA HIS A 27 -2.20 14.21 6.36
C HIS A 27 -3.12 14.46 7.57
N LEU A 28 -3.36 13.45 8.37
CA LEU A 28 -4.26 13.63 9.56
C LEU A 28 -3.43 13.87 10.84
N LEU A 29 -2.31 14.52 10.72
CA LEU A 29 -1.46 14.80 11.93
C LEU A 29 -1.86 16.12 12.58
N PRO A 30 -1.99 16.10 13.88
CA PRO A 30 -2.37 17.33 14.64
C PRO A 30 -1.19 18.32 14.68
N ARG A 31 -1.04 19.11 13.64
CA ARG A 31 0.08 20.11 13.58
C ARG A 31 1.44 19.40 13.70
N ASP A 1 -17.68 7.55 -8.59
CA ASP A 1 -16.60 6.52 -8.50
C ASP A 1 -16.48 6.01 -7.06
N THR A 2 -16.67 4.72 -6.86
CA THR A 2 -16.57 4.15 -5.47
C THR A 2 -16.23 2.66 -5.53
N GLU A 3 -15.77 2.10 -4.43
CA GLU A 3 -15.42 0.65 -4.41
C GLU A 3 -16.16 -0.06 -3.27
N ILE A 4 -17.42 0.23 -3.09
CA ILE A 4 -18.20 -0.44 -2.00
C ILE A 4 -19.03 -1.60 -2.58
N ILE A 5 -19.66 -1.39 -3.69
CA ILE A 5 -20.49 -2.48 -4.30
C ILE A 5 -19.73 -3.15 -5.45
N GLY A 6 -18.63 -3.79 -5.15
CA GLY A 6 -17.83 -4.47 -6.21
C GLY A 6 -17.07 -3.44 -7.04
N GLY A 7 -16.12 -2.76 -6.45
CA GLY A 7 -15.33 -1.74 -7.20
C GLY A 7 -13.97 -2.33 -7.58
N LEU A 8 -13.04 -2.34 -6.64
CA LEU A 8 -11.66 -2.90 -6.90
C LEU A 8 -11.20 -2.68 -8.35
N THR A 9 -11.12 -1.45 -8.78
CA THR A 9 -10.68 -1.16 -10.17
C THR A 9 -9.15 -0.92 -10.23
N ILE A 10 -8.43 -1.30 -9.20
CA ILE A 10 -6.94 -1.10 -9.20
C ILE A 10 -6.25 -2.40 -8.75
N PRO A 11 -5.30 -2.84 -9.55
CA PRO A 11 -4.55 -4.09 -9.22
C PRO A 11 -3.68 -3.96 -7.95
N PRO A 12 -3.10 -2.79 -7.69
CA PRO A 12 -2.26 -2.64 -6.47
C PRO A 12 -3.15 -2.40 -5.24
N VAL A 13 -4.06 -3.29 -4.97
CA VAL A 13 -4.97 -3.12 -3.78
C VAL A 13 -4.19 -3.23 -2.46
N VAL A 14 -3.24 -4.13 -2.37
CA VAL A 14 -2.45 -4.26 -1.12
C VAL A 14 -1.58 -3.01 -0.94
N ALA A 15 -0.92 -2.59 -2.00
CA ALA A 15 -0.07 -1.36 -1.92
C ALA A 15 -0.95 -0.14 -1.62
N LEU A 16 -2.15 -0.11 -2.16
CA LEU A 16 -3.07 1.05 -1.92
C LEU A 16 -3.44 1.12 -0.43
N VAL A 17 -3.70 -0.01 0.19
CA VAL A 17 -4.07 -0.01 1.65
C VAL A 17 -2.87 0.46 2.50
N VAL A 18 -1.66 0.18 2.07
CA VAL A 18 -0.47 0.60 2.85
C VAL A 18 -0.12 2.06 2.49
N MET A 19 -0.13 2.40 1.23
CA MET A 19 0.21 3.79 0.80
C MET A 19 -0.77 4.79 1.42
N SER A 20 -2.04 4.45 1.48
CA SER A 20 -3.05 5.40 2.09
C SER A 20 -2.73 5.65 3.56
N ARG A 21 -2.41 4.61 4.30
CA ARG A 21 -2.07 4.78 5.75
C ARG A 21 -0.83 5.67 5.91
N PHE A 22 0.14 5.52 5.03
CA PHE A 22 1.37 6.36 5.13
C PHE A 22 1.03 7.84 4.93
N GLY A 23 0.22 8.15 3.94
CA GLY A 23 -0.17 9.57 3.69
C GLY A 23 -1.06 10.07 4.83
N PHE A 24 -2.04 9.30 5.21
CA PHE A 24 -2.96 9.72 6.32
C PHE A 24 -2.15 9.99 7.61
N PHE A 25 -1.20 9.15 7.91
CA PHE A 25 -0.36 9.35 9.14
C PHE A 25 0.40 10.68 9.04
N ALA A 26 0.81 11.07 7.86
CA ALA A 26 1.56 12.36 7.70
C ALA A 26 0.58 13.54 7.58
N HIS A 27 -0.58 13.30 7.02
CA HIS A 27 -1.58 14.41 6.87
C HIS A 27 -2.27 14.71 8.21
N LEU A 28 -2.64 13.68 8.94
CA LEU A 28 -3.33 13.91 10.26
C LEU A 28 -2.30 14.29 11.33
N LEU A 29 -1.20 13.57 11.41
CA LEU A 29 -0.17 13.90 12.44
C LEU A 29 1.12 14.40 11.76
N PRO A 30 1.66 15.48 12.30
CA PRO A 30 2.90 16.08 11.73
C PRO A 30 4.11 15.20 12.07
N ARG A 31 4.59 14.44 11.11
CA ARG A 31 5.77 13.56 11.36
C ARG A 31 6.44 13.15 10.04
N ASP A 1 16.39 -17.91 -5.96
CA ASP A 1 14.93 -17.61 -5.87
C ASP A 1 14.44 -17.01 -7.20
N THR A 2 13.28 -17.42 -7.66
CA THR A 2 12.74 -16.88 -8.94
C THR A 2 11.32 -16.34 -8.73
N GLU A 3 11.17 -15.37 -7.86
CA GLU A 3 9.82 -14.79 -7.61
C GLU A 3 9.95 -13.35 -7.06
N ILE A 4 10.29 -12.42 -7.92
CA ILE A 4 10.44 -10.99 -7.48
C ILE A 4 10.63 -10.07 -8.69
N ILE A 5 10.12 -8.86 -8.63
CA ILE A 5 10.27 -7.88 -9.76
C ILE A 5 9.57 -8.42 -11.03
N GLY A 6 9.32 -7.56 -11.98
CA GLY A 6 8.64 -8.00 -13.23
C GLY A 6 7.46 -7.07 -13.54
N GLY A 7 6.82 -6.52 -12.53
CA GLY A 7 5.67 -5.62 -12.77
C GLY A 7 4.36 -6.39 -12.53
N LEU A 8 4.26 -7.59 -13.05
CA LEU A 8 3.01 -8.39 -12.84
C LEU A 8 3.21 -9.42 -11.71
N THR A 9 4.04 -9.11 -10.74
CA THR A 9 4.26 -10.07 -9.61
C THR A 9 4.11 -9.34 -8.27
N ILE A 10 3.22 -8.38 -8.20
CA ILE A 10 3.00 -7.63 -6.93
C ILE A 10 1.51 -7.29 -6.76
N PRO A 11 1.05 -7.35 -5.53
CA PRO A 11 -0.37 -7.04 -5.23
C PRO A 11 -0.63 -5.53 -5.28
N PRO A 12 -1.45 -5.11 -6.23
CA PRO A 12 -1.78 -3.67 -6.38
C PRO A 12 -2.70 -3.19 -5.24
N VAL A 13 -3.65 -4.02 -4.84
CA VAL A 13 -4.58 -3.61 -3.73
C VAL A 13 -3.80 -3.45 -2.41
N VAL A 14 -2.80 -4.28 -2.18
CA VAL A 14 -2.01 -4.17 -0.92
C VAL A 14 -1.22 -2.84 -0.92
N ALA A 15 -0.65 -2.49 -2.04
CA ALA A 15 0.13 -1.21 -2.12
C ALA A 15 -0.80 -0.01 -1.95
N LEU A 16 -2.02 -0.10 -2.43
CA LEU A 16 -2.98 1.04 -2.29
C LEU A 16 -3.46 1.18 -0.84
N VAL A 17 -3.69 0.07 -0.16
CA VAL A 17 -4.16 0.14 1.26
C VAL A 17 -3.08 0.80 2.14
N VAL A 18 -1.83 0.60 1.81
CA VAL A 18 -0.73 1.23 2.62
C VAL A 18 -0.58 2.71 2.24
N MET A 19 -0.80 3.04 0.98
CA MET A 19 -0.67 4.46 0.53
C MET A 19 -1.70 5.35 1.24
N SER A 20 -2.95 4.91 1.32
CA SER A 20 -4.00 5.74 1.99
C SER A 20 -3.64 5.96 3.47
N ARG A 21 -3.30 4.90 4.16
CA ARG A 21 -2.93 5.04 5.61
C ARG A 21 -1.65 5.89 5.73
N PHE A 22 -0.70 5.68 4.85
CA PHE A 22 0.56 6.48 4.88
C PHE A 22 0.26 7.96 4.66
N GLY A 23 -0.59 8.27 3.71
CA GLY A 23 -0.94 9.71 3.44
C GLY A 23 -1.51 10.33 4.70
N PHE A 24 -2.35 9.62 5.42
CA PHE A 24 -2.94 10.18 6.68
C PHE A 24 -1.87 10.22 7.78
N PHE A 25 -1.13 9.15 7.96
CA PHE A 25 -0.06 9.14 9.01
C PHE A 25 0.97 10.24 8.75
N ALA A 26 1.22 10.56 7.50
CA ALA A 26 2.21 11.65 7.17
C ALA A 26 1.81 12.96 7.86
N HIS A 27 0.54 13.25 7.93
CA HIS A 27 0.09 14.52 8.60
C HIS A 27 -0.71 14.20 9.87
N LEU A 28 -0.40 13.10 10.53
CA LEU A 28 -1.12 12.74 11.79
C LEU A 28 -0.18 12.01 12.75
N LEU A 29 0.49 10.98 12.28
CA LEU A 29 1.45 10.21 13.14
C LEU A 29 0.70 9.50 14.29
N PRO A 30 1.33 8.49 14.82
CA PRO A 30 0.73 7.71 15.94
C PRO A 30 0.81 8.51 17.25
N ARG A 31 -0.32 8.91 17.78
CA ARG A 31 -0.32 9.69 19.06
C ARG A 31 -1.64 9.50 19.81
N ASP A 1 12.65 -17.88 -20.11
CA ASP A 1 12.35 -16.64 -19.32
C ASP A 1 12.03 -17.02 -17.88
N THR A 2 12.58 -16.30 -16.92
CA THR A 2 12.31 -16.61 -15.48
C THR A 2 10.84 -16.29 -15.16
N GLU A 3 10.12 -17.25 -14.60
CA GLU A 3 8.68 -17.03 -14.25
C GLU A 3 7.88 -16.58 -15.49
N ILE A 4 7.48 -17.52 -16.31
CA ILE A 4 6.70 -17.17 -17.54
C ILE A 4 5.21 -17.01 -17.20
N ILE A 5 4.88 -16.17 -16.25
CA ILE A 5 3.45 -15.97 -15.86
C ILE A 5 3.31 -14.66 -15.05
N GLY A 6 2.35 -13.85 -15.39
CA GLY A 6 2.14 -12.57 -14.65
C GLY A 6 3.20 -11.55 -15.10
N GLY A 7 2.85 -10.67 -16.01
CA GLY A 7 3.83 -9.65 -16.49
C GLY A 7 3.70 -8.38 -15.65
N LEU A 8 2.56 -7.75 -15.70
CA LEU A 8 2.36 -6.49 -14.90
C LEU A 8 1.04 -6.56 -14.11
N THR A 9 0.80 -7.67 -13.45
CA THR A 9 -0.46 -7.81 -12.66
C THR A 9 -0.21 -7.44 -11.19
N ILE A 10 0.15 -6.21 -10.94
CA ILE A 10 0.41 -5.77 -9.53
C ILE A 10 -0.92 -5.47 -8.81
N PRO A 11 -0.98 -5.84 -7.55
CA PRO A 11 -2.21 -5.61 -6.75
C PRO A 11 -2.29 -4.14 -6.28
N PRO A 12 -3.26 -3.42 -6.79
CA PRO A 12 -3.43 -2.00 -6.42
C PRO A 12 -3.96 -1.87 -4.99
N VAL A 13 -4.87 -2.74 -4.60
CA VAL A 13 -5.43 -2.68 -3.20
C VAL A 13 -4.32 -2.90 -2.16
N VAL A 14 -3.37 -3.76 -2.44
CA VAL A 14 -2.26 -4.00 -1.46
C VAL A 14 -1.41 -2.74 -1.33
N ALA A 15 -1.02 -2.15 -2.44
CA ALA A 15 -0.20 -0.91 -2.39
C ALA A 15 -1.02 0.25 -1.77
N LEU A 16 -2.31 0.27 -2.01
CA LEU A 16 -3.16 1.36 -1.44
C LEU A 16 -3.24 1.24 0.08
N VAL A 17 -3.45 0.03 0.59
CA VAL A 17 -3.55 -0.16 2.07
C VAL A 17 -2.20 0.14 2.75
N VAL A 18 -1.11 0.14 2.02
CA VAL A 18 0.22 0.43 2.65
C VAL A 18 0.64 1.88 2.38
N MET A 19 0.44 2.35 1.17
CA MET A 19 0.84 3.75 0.83
C MET A 19 -0.13 4.78 1.45
N SER A 20 -1.41 4.54 1.36
CA SER A 20 -2.40 5.51 1.94
C SER A 20 -2.32 5.51 3.46
N ARG A 21 -2.19 4.35 4.08
CA ARG A 21 -2.10 4.30 5.57
C ARG A 21 -1.00 5.22 6.08
N PHE A 22 0.15 5.21 5.45
CA PHE A 22 1.26 6.11 5.89
C PHE A 22 1.00 7.55 5.43
N GLY A 23 0.58 7.73 4.20
CA GLY A 23 0.29 9.11 3.69
C GLY A 23 -0.82 9.76 4.53
N PHE A 24 -1.87 9.02 4.82
CA PHE A 24 -2.98 9.60 5.65
C PHE A 24 -2.48 9.98 7.04
N PHE A 25 -1.67 9.14 7.64
CA PHE A 25 -1.12 9.46 8.99
C PHE A 25 -0.37 10.80 8.96
N ALA A 26 0.41 11.03 7.93
CA ALA A 26 1.16 12.32 7.81
C ALA A 26 0.19 13.46 7.50
N HIS A 27 -0.82 13.21 6.71
CA HIS A 27 -1.81 14.27 6.37
C HIS A 27 -2.72 14.57 7.57
N LEU A 28 -3.04 13.56 8.36
CA LEU A 28 -3.93 13.79 9.54
C LEU A 28 -3.13 14.38 10.71
N LEU A 29 -1.97 13.82 10.99
CA LEU A 29 -1.11 14.34 12.12
C LEU A 29 -1.88 14.24 13.45
N PRO A 30 -1.68 13.14 14.14
CA PRO A 30 -2.34 12.93 15.45
C PRO A 30 -1.75 13.85 16.51
N ARG A 31 -2.48 14.10 17.57
CA ARG A 31 -1.97 15.00 18.65
C ARG A 31 -2.20 14.37 20.03
N ASP A 1 14.58 -2.82 3.14
CA ASP A 1 14.58 -4.30 2.94
C ASP A 1 14.35 -4.63 1.46
N THR A 2 15.21 -5.43 0.87
CA THR A 2 15.04 -5.78 -0.57
C THR A 2 14.32 -7.15 -0.69
N GLU A 3 13.15 -7.25 -0.10
CA GLU A 3 12.39 -8.54 -0.17
C GLU A 3 10.93 -8.28 -0.54
N ILE A 4 10.69 -7.37 -1.46
CA ILE A 4 9.29 -7.07 -1.88
C ILE A 4 9.16 -7.24 -3.41
N ILE A 5 7.96 -7.44 -3.90
CA ILE A 5 7.74 -7.62 -5.38
C ILE A 5 8.52 -8.85 -5.89
N GLY A 6 7.95 -10.02 -5.75
CA GLY A 6 8.64 -11.26 -6.22
C GLY A 6 7.91 -11.81 -7.45
N GLY A 7 7.02 -12.76 -7.25
CA GLY A 7 6.28 -13.35 -8.39
C GLY A 7 4.84 -12.81 -8.41
N LEU A 8 3.93 -13.53 -7.82
CA LEU A 8 2.51 -13.07 -7.79
C LEU A 8 1.78 -13.67 -6.58
N THR A 9 2.08 -13.20 -5.40
CA THR A 9 1.41 -13.75 -4.17
C THR A 9 0.76 -12.62 -3.34
N ILE A 10 0.52 -11.48 -3.95
CA ILE A 10 -0.11 -10.35 -3.20
C ILE A 10 -0.93 -9.46 -4.16
N PRO A 11 -2.09 -9.07 -3.71
CA PRO A 11 -2.98 -8.22 -4.54
C PRO A 11 -2.48 -6.77 -4.54
N PRO A 12 -2.77 -6.06 -5.61
CA PRO A 12 -2.35 -4.63 -5.73
C PRO A 12 -3.15 -3.73 -4.78
N VAL A 13 -4.33 -4.14 -4.39
CA VAL A 13 -5.17 -3.31 -3.46
C VAL A 13 -4.43 -3.08 -2.13
N VAL A 14 -3.70 -4.05 -1.64
CA VAL A 14 -2.96 -3.86 -0.35
C VAL A 14 -1.87 -2.80 -0.52
N ALA A 15 -1.27 -2.71 -1.68
CA ALA A 15 -0.22 -1.68 -1.91
C ALA A 15 -0.86 -0.29 -1.97
N LEU A 16 -2.01 -0.19 -2.60
CA LEU A 16 -2.71 1.13 -2.70
C LEU A 16 -3.10 1.61 -1.29
N VAL A 17 -3.52 0.72 -0.42
CA VAL A 17 -3.88 1.12 0.96
C VAL A 17 -2.63 1.57 1.73
N VAL A 18 -1.52 0.91 1.52
CA VAL A 18 -0.26 1.30 2.22
C VAL A 18 0.14 2.72 1.81
N MET A 19 -0.06 3.07 0.55
CA MET A 19 0.30 4.43 0.08
C MET A 19 -0.61 5.47 0.76
N SER A 20 -1.91 5.26 0.75
CA SER A 20 -2.84 6.21 1.40
C SER A 20 -2.58 6.22 2.92
N ARG A 21 -2.35 5.05 3.48
CA ARG A 21 -2.07 4.97 4.95
C ARG A 21 -0.86 5.84 5.31
N PHE A 22 0.17 5.81 4.50
CA PHE A 22 1.38 6.65 4.78
C PHE A 22 0.99 8.14 4.76
N GLY A 23 0.24 8.56 3.77
CA GLY A 23 -0.19 9.99 3.70
C GLY A 23 -1.12 10.29 4.88
N PHE A 24 -2.03 9.38 5.18
CA PHE A 24 -2.96 9.59 6.32
C PHE A 24 -2.18 9.65 7.63
N PHE A 25 -1.19 8.79 7.79
CA PHE A 25 -0.38 8.79 9.04
C PHE A 25 0.31 10.15 9.22
N ALA A 26 0.86 10.70 8.16
CA ALA A 26 1.52 12.04 8.26
C ALA A 26 0.50 13.12 8.66
N HIS A 27 -0.76 12.89 8.41
CA HIS A 27 -1.81 13.89 8.76
C HIS A 27 -2.46 13.55 10.12
N LEU A 28 -2.36 12.31 10.55
CA LEU A 28 -3.00 11.91 11.85
C LEU A 28 -1.92 11.67 12.92
N LEU A 29 -0.85 12.43 12.91
CA LEU A 29 0.22 12.25 13.95
C LEU A 29 0.81 13.61 14.35
N PRO A 30 1.07 13.76 15.63
CA PRO A 30 1.66 15.03 16.14
C PRO A 30 3.16 15.08 15.85
N ARG A 31 3.79 16.22 16.12
CA ARG A 31 5.26 16.39 15.88
C ARG A 31 5.75 15.58 14.67
N ASP A 1 -12.87 -25.64 -12.08
CA ASP A 1 -12.71 -25.18 -13.50
C ASP A 1 -12.01 -23.82 -13.54
N THR A 2 -11.07 -23.65 -14.44
CA THR A 2 -10.34 -22.34 -14.54
C THR A 2 -10.00 -22.02 -16.00
N GLU A 3 -10.75 -21.15 -16.62
CA GLU A 3 -10.46 -20.79 -18.04
C GLU A 3 -10.05 -19.32 -18.14
N ILE A 4 -8.80 -19.07 -18.44
CA ILE A 4 -8.29 -17.65 -18.56
C ILE A 4 -8.54 -16.88 -17.26
N ILE A 5 -7.62 -16.94 -16.34
CA ILE A 5 -7.77 -16.21 -15.04
C ILE A 5 -6.79 -15.01 -14.97
N GLY A 6 -6.28 -14.58 -16.10
CA GLY A 6 -5.32 -13.43 -16.09
C GLY A 6 -3.89 -13.94 -16.31
N GLY A 7 -3.06 -13.87 -15.30
CA GLY A 7 -1.65 -14.36 -15.45
C GLY A 7 -0.73 -13.52 -14.56
N LEU A 8 -0.57 -12.26 -14.86
CA LEU A 8 0.32 -11.40 -14.03
C LEU A 8 -0.13 -9.92 -14.09
N THR A 9 -1.41 -9.69 -14.21
CA THR A 9 -1.90 -8.27 -14.27
C THR A 9 -2.88 -8.01 -13.11
N ILE A 10 -2.42 -8.19 -11.89
CA ILE A 10 -3.31 -7.95 -10.71
C ILE A 10 -3.26 -6.47 -10.30
N PRO A 11 -4.37 -5.99 -9.78
CA PRO A 11 -4.44 -4.57 -9.33
C PRO A 11 -3.68 -4.40 -8.01
N PRO A 12 -3.03 -3.26 -7.88
CA PRO A 12 -2.25 -2.97 -6.64
C PRO A 12 -3.19 -2.50 -5.51
N VAL A 13 -4.06 -3.36 -5.06
CA VAL A 13 -5.00 -2.97 -3.95
C VAL A 13 -4.27 -2.99 -2.60
N VAL A 14 -3.44 -3.98 -2.36
CA VAL A 14 -2.69 -4.03 -1.06
C VAL A 14 -1.69 -2.86 -0.98
N ALA A 15 -1.13 -2.47 -2.10
CA ALA A 15 -0.17 -1.32 -2.09
C ALA A 15 -0.91 -0.03 -1.75
N LEU A 16 -2.11 0.13 -2.26
CA LEU A 16 -2.90 1.38 -1.97
C LEU A 16 -3.25 1.43 -0.48
N VAL A 17 -3.63 0.32 0.10
CA VAL A 17 -3.97 0.31 1.56
C VAL A 17 -2.74 0.65 2.40
N VAL A 18 -1.59 0.13 2.02
CA VAL A 18 -0.34 0.44 2.79
C VAL A 18 0.01 1.93 2.63
N MET A 19 0.01 2.41 1.40
CA MET A 19 0.33 3.86 1.16
C MET A 19 -0.73 4.75 1.81
N SER A 20 -1.98 4.33 1.80
CA SER A 20 -3.06 5.15 2.42
C SER A 20 -2.74 5.40 3.90
N ARG A 21 -2.28 4.38 4.60
CA ARG A 21 -1.94 4.55 6.04
C ARG A 21 -0.78 5.55 6.18
N PHE A 22 0.22 5.43 5.34
CA PHE A 22 1.37 6.38 5.40
C PHE A 22 0.90 7.80 5.08
N GLY A 23 0.08 7.95 4.06
CA GLY A 23 -0.43 9.31 3.68
C GLY A 23 -1.31 9.84 4.81
N PHE A 24 -2.15 9.00 5.38
CA PHE A 24 -3.04 9.46 6.49
C PHE A 24 -2.21 10.00 7.66
N PHE A 25 -1.17 9.30 8.04
CA PHE A 25 -0.31 9.77 9.17
C PHE A 25 0.41 11.07 8.78
N ALA A 26 0.92 11.14 7.56
CA ALA A 26 1.63 12.38 7.11
C ALA A 26 0.66 13.57 7.02
N HIS A 27 -0.61 13.31 6.80
CA HIS A 27 -1.59 14.43 6.71
C HIS A 27 -2.43 14.53 7.99
N LEU A 28 -1.93 14.05 9.10
CA LEU A 28 -2.70 14.13 10.38
C LEU A 28 -1.75 14.13 11.59
N LEU A 29 -0.65 14.83 11.49
CA LEU A 29 0.31 14.88 12.63
C LEU A 29 0.79 16.32 12.86
N PRO A 30 0.66 16.78 14.08
CA PRO A 30 1.09 18.15 14.43
C PRO A 30 2.62 18.25 14.48
N ARG A 31 3.17 19.34 14.01
CA ARG A 31 4.66 19.49 14.02
C ARG A 31 5.06 20.74 14.83
N ASP A 1 1.07 -28.92 0.27
CA ASP A 1 2.18 -28.10 -0.33
C ASP A 1 2.09 -26.65 0.15
N THR A 2 2.95 -25.80 -0.34
CA THR A 2 2.94 -24.36 0.08
C THR A 2 1.88 -23.58 -0.72
N GLU A 3 1.23 -22.63 -0.08
CA GLU A 3 0.18 -21.83 -0.79
C GLU A 3 -0.08 -20.51 -0.05
N ILE A 4 0.96 -19.86 0.43
CA ILE A 4 0.78 -18.57 1.18
C ILE A 4 2.12 -17.82 1.31
N ILE A 5 3.18 -18.52 1.59
CA ILE A 5 4.52 -17.85 1.71
C ILE A 5 5.46 -18.31 0.59
N GLY A 6 5.90 -17.40 -0.22
CA GLY A 6 6.82 -17.77 -1.35
C GLY A 6 7.66 -16.56 -1.75
N GLY A 7 7.26 -15.87 -2.79
CA GLY A 7 8.03 -14.67 -3.25
C GLY A 7 7.22 -13.40 -2.99
N LEU A 8 6.66 -13.26 -1.81
CA LEU A 8 5.85 -12.05 -1.47
C LEU A 8 4.81 -11.77 -2.56
N THR A 9 3.93 -12.71 -2.82
CA THR A 9 2.88 -12.50 -3.87
C THR A 9 1.64 -11.83 -3.25
N ILE A 10 1.82 -10.69 -2.63
CA ILE A 10 0.67 -9.97 -2.01
C ILE A 10 -0.22 -9.32 -3.09
N PRO A 11 -1.47 -9.12 -2.74
CA PRO A 11 -2.41 -8.50 -3.70
C PRO A 11 -2.12 -7.00 -3.87
N PRO A 12 -2.40 -6.49 -5.04
CA PRO A 12 -2.15 -5.05 -5.33
C PRO A 12 -3.12 -4.14 -4.56
N VAL A 13 -4.30 -4.62 -4.25
CA VAL A 13 -5.28 -3.77 -3.49
C VAL A 13 -4.72 -3.41 -2.10
N VAL A 14 -4.02 -4.31 -1.46
CA VAL A 14 -3.44 -4.00 -0.12
C VAL A 14 -2.30 -2.99 -0.27
N ALA A 15 -1.45 -3.17 -1.26
CA ALA A 15 -0.32 -2.22 -1.47
C ALA A 15 -0.86 -0.82 -1.80
N LEU A 16 -1.93 -0.73 -2.54
CA LEU A 16 -2.51 0.60 -2.89
C LEU A 16 -3.03 1.29 -1.61
N VAL A 17 -3.67 0.56 -0.73
CA VAL A 17 -4.18 1.18 0.54
C VAL A 17 -3.01 1.70 1.38
N VAL A 18 -1.90 1.01 1.37
CA VAL A 18 -0.71 1.48 2.17
C VAL A 18 -0.05 2.68 1.47
N MET A 19 -0.08 2.72 0.16
CA MET A 19 0.55 3.86 -0.58
C MET A 19 -0.15 5.18 -0.20
N SER A 20 -1.45 5.18 -0.13
CA SER A 20 -2.19 6.43 0.24
C SER A 20 -2.13 6.67 1.76
N ARG A 21 -1.81 5.65 2.53
CA ARG A 21 -1.73 5.82 4.02
C ARG A 21 -0.56 6.75 4.41
N PHE A 22 0.36 7.00 3.50
CA PHE A 22 1.52 7.89 3.84
C PHE A 22 1.04 9.26 4.37
N GLY A 23 -0.11 9.71 3.93
CA GLY A 23 -0.65 11.02 4.41
C GLY A 23 -1.49 10.78 5.67
N PHE A 24 -2.17 9.67 5.76
CA PHE A 24 -3.01 9.38 6.96
C PHE A 24 -2.14 9.34 8.22
N PHE A 25 -1.09 8.58 8.21
CA PHE A 25 -0.19 8.50 9.41
C PHE A 25 0.49 9.85 9.67
N ALA A 26 0.80 10.59 8.62
CA ALA A 26 1.47 11.92 8.80
C ALA A 26 0.54 12.89 9.54
N HIS A 27 -0.74 12.85 9.25
CA HIS A 27 -1.70 13.77 9.93
C HIS A 27 -2.59 12.98 10.90
N LEU A 28 -1.99 12.26 11.82
CA LEU A 28 -2.80 11.47 12.81
C LEU A 28 -2.41 11.85 14.25
N LEU A 29 -1.14 11.76 14.58
CA LEU A 29 -0.70 12.11 15.96
C LEU A 29 0.64 12.85 15.91
N PRO A 30 0.72 13.96 16.63
CA PRO A 30 1.97 14.75 16.66
C PRO A 30 3.04 14.06 17.51
N ARG A 31 4.21 13.85 16.97
CA ARG A 31 5.31 13.17 17.72
C ARG A 31 4.89 11.75 18.14
N ASP A 1 8.40 -1.70 4.58
CA ASP A 1 9.45 -2.36 3.74
C ASP A 1 8.92 -3.66 3.13
N THR A 2 9.56 -4.15 2.09
CA THR A 2 9.09 -5.41 1.45
C THR A 2 9.97 -6.58 1.90
N GLU A 3 9.46 -7.42 2.75
CA GLU A 3 10.25 -8.59 3.24
C GLU A 3 9.83 -9.87 2.50
N ILE A 4 10.22 -10.00 1.25
CA ILE A 4 9.85 -11.21 0.45
C ILE A 4 8.33 -11.45 0.50
N ILE A 5 7.57 -10.52 -0.02
CA ILE A 5 6.08 -10.68 0.00
C ILE A 5 5.53 -10.90 -1.44
N GLY A 6 6.39 -10.92 -2.42
CA GLY A 6 5.92 -11.13 -3.83
C GLY A 6 6.02 -12.62 -4.18
N GLY A 7 5.29 -13.46 -3.49
CA GLY A 7 5.33 -14.92 -3.78
C GLY A 7 4.10 -15.32 -4.61
N LEU A 8 2.92 -14.90 -4.21
CA LEU A 8 1.70 -15.25 -4.97
C LEU A 8 1.11 -14.00 -5.64
N THR A 9 1.93 -13.27 -6.37
CA THR A 9 1.46 -12.02 -7.09
C THR A 9 0.41 -11.26 -6.26
N ILE A 10 0.85 -10.53 -5.26
CA ILE A 10 -0.11 -9.75 -4.41
C ILE A 10 -0.88 -8.73 -5.28
N PRO A 11 -2.14 -8.53 -4.93
CA PRO A 11 -2.99 -7.58 -5.69
C PRO A 11 -2.58 -6.13 -5.41
N PRO A 12 -3.02 -5.24 -6.28
CA PRO A 12 -2.70 -3.80 -6.12
C PRO A 12 -3.50 -3.17 -4.96
N VAL A 13 -4.56 -3.81 -4.54
CA VAL A 13 -5.39 -3.25 -3.42
C VAL A 13 -4.57 -3.15 -2.12
N VAL A 14 -3.76 -4.13 -1.82
CA VAL A 14 -2.93 -4.06 -0.57
C VAL A 14 -1.81 -3.03 -0.72
N ALA A 15 -1.26 -2.88 -1.90
CA ALA A 15 -0.18 -1.88 -2.11
C ALA A 15 -0.75 -0.46 -2.01
N LEU A 16 -1.95 -0.25 -2.52
CA LEU A 16 -2.58 1.10 -2.44
C LEU A 16 -2.87 1.46 -0.97
N VAL A 17 -3.32 0.52 -0.19
CA VAL A 17 -3.61 0.81 1.24
C VAL A 17 -2.31 1.15 1.99
N VAL A 18 -1.21 0.53 1.63
CA VAL A 18 0.09 0.83 2.30
C VAL A 18 0.47 2.31 2.08
N MET A 19 0.40 2.78 0.86
CA MET A 19 0.76 4.20 0.58
C MET A 19 -0.39 5.14 1.01
N SER A 20 -1.62 4.70 0.90
CA SER A 20 -2.77 5.57 1.31
C SER A 20 -2.70 5.83 2.82
N ARG A 21 -2.45 4.81 3.59
CA ARG A 21 -2.34 5.00 5.08
C ARG A 21 -1.13 5.89 5.40
N PHE A 22 -0.06 5.75 4.66
CA PHE A 22 1.15 6.60 4.91
C PHE A 22 0.80 8.08 4.76
N GLY A 23 0.03 8.42 3.74
CA GLY A 23 -0.36 9.84 3.53
C GLY A 23 -1.25 10.30 4.69
N PHE A 24 -2.20 9.47 5.08
CA PHE A 24 -3.11 9.84 6.21
C PHE A 24 -2.30 9.95 7.51
N PHE A 25 -1.38 9.04 7.73
CA PHE A 25 -0.55 9.07 8.97
C PHE A 25 0.32 10.33 9.02
N ALA A 26 0.57 10.97 7.90
CA ALA A 26 1.41 12.21 7.91
C ALA A 26 0.54 13.46 8.12
N HIS A 27 -0.49 13.36 8.93
CA HIS A 27 -1.38 14.54 9.18
C HIS A 27 -2.39 14.25 10.31
N LEU A 28 -2.97 13.07 10.30
CA LEU A 28 -3.98 12.71 11.35
C LEU A 28 -3.44 12.90 12.77
N LEU A 29 -2.17 12.62 13.00
CA LEU A 29 -1.60 12.79 14.37
C LEU A 29 -0.37 13.72 14.33
N PRO A 30 -0.44 14.80 15.06
CA PRO A 30 0.68 15.78 15.10
C PRO A 30 1.86 15.19 15.88
N ARG A 31 2.84 14.65 15.19
CA ARG A 31 4.02 14.05 15.87
C ARG A 31 5.20 15.03 15.85
N ASP A 1 -2.33 -5.33 -26.67
CA ASP A 1 -3.60 -4.55 -26.79
C ASP A 1 -4.06 -4.09 -25.40
N THR A 2 -4.51 -2.87 -25.29
CA THR A 2 -4.97 -2.32 -23.97
C THR A 2 -3.86 -2.50 -22.92
N GLU A 3 -2.81 -1.74 -23.02
CA GLU A 3 -1.69 -1.86 -22.04
C GLU A 3 -2.04 -1.15 -20.73
N ILE A 4 -3.01 -1.68 -20.01
CA ILE A 4 -3.43 -1.05 -18.72
C ILE A 4 -3.05 -1.96 -17.54
N ILE A 5 -3.34 -3.24 -17.64
CA ILE A 5 -3.00 -4.18 -16.53
C ILE A 5 -1.98 -5.23 -17.02
N GLY A 6 -1.15 -5.70 -16.13
CA GLY A 6 -0.12 -6.71 -16.52
C GLY A 6 -0.82 -8.04 -16.86
N GLY A 7 -1.70 -8.50 -16.01
CA GLY A 7 -2.42 -9.78 -16.28
C GLY A 7 -1.81 -10.90 -15.43
N LEU A 8 -1.57 -10.64 -14.16
CA LEU A 8 -0.99 -11.70 -13.28
C LEU A 8 -2.04 -12.20 -12.28
N THR A 9 -3.30 -11.91 -12.51
CA THR A 9 -4.40 -12.37 -11.59
C THR A 9 -4.14 -11.89 -10.14
N ILE A 10 -3.51 -10.75 -9.97
CA ILE A 10 -3.24 -10.23 -8.60
C ILE A 10 -3.30 -8.70 -8.59
N PRO A 11 -4.37 -8.17 -8.02
CA PRO A 11 -4.55 -6.70 -7.94
C PRO A 11 -3.74 -6.11 -6.78
N PRO A 12 -3.12 -4.98 -7.03
CA PRO A 12 -2.30 -4.31 -5.98
C PRO A 12 -3.21 -3.57 -4.98
N VAL A 13 -3.99 -4.31 -4.23
CA VAL A 13 -4.91 -3.67 -3.24
C VAL A 13 -4.14 -3.32 -1.95
N VAL A 14 -3.39 -4.26 -1.42
CA VAL A 14 -2.61 -3.98 -0.16
C VAL A 14 -1.61 -2.84 -0.40
N ALA A 15 -1.06 -2.75 -1.58
CA ALA A 15 -0.08 -1.65 -1.88
C ALA A 15 -0.81 -0.30 -1.93
N LEU A 16 -1.99 -0.27 -2.50
CA LEU A 16 -2.76 1.01 -2.58
C LEU A 16 -3.16 1.47 -1.18
N VAL A 17 -3.52 0.56 -0.31
CA VAL A 17 -3.91 0.96 1.09
C VAL A 17 -2.70 1.51 1.83
N VAL A 18 -1.55 0.88 1.70
CA VAL A 18 -0.32 1.37 2.39
C VAL A 18 0.01 2.80 1.93
N MET A 19 -0.15 3.08 0.65
CA MET A 19 0.14 4.44 0.14
C MET A 19 -0.81 5.45 0.80
N SER A 20 -2.08 5.16 0.82
CA SER A 20 -3.07 6.09 1.46
C SER A 20 -2.80 6.19 2.96
N ARG A 21 -2.56 5.06 3.61
CA ARG A 21 -2.27 5.09 5.08
C ARG A 21 -1.02 5.91 5.36
N PHE A 22 -0.05 5.88 4.47
CA PHE A 22 1.20 6.67 4.68
C PHE A 22 0.87 8.17 4.68
N GLY A 23 0.10 8.62 3.72
CA GLY A 23 -0.28 10.06 3.68
C GLY A 23 -1.23 10.38 4.83
N PHE A 24 -2.15 9.49 5.11
CA PHE A 24 -3.11 9.72 6.25
C PHE A 24 -2.35 9.80 7.57
N PHE A 25 -1.52 8.82 7.84
CA PHE A 25 -0.74 8.82 9.12
C PHE A 25 0.24 10.02 9.14
N ALA A 26 0.74 10.42 8.00
CA ALA A 26 1.68 11.58 7.97
C ALA A 26 0.98 12.85 8.47
N HIS A 27 -0.32 12.93 8.33
CA HIS A 27 -1.08 14.14 8.79
C HIS A 27 -1.79 13.84 10.12
N LEU A 28 -2.30 12.64 10.29
CA LEU A 28 -3.01 12.29 11.55
C LEU A 28 -2.00 12.00 12.68
N LEU A 29 -0.96 11.26 12.38
CA LEU A 29 0.09 10.91 13.40
C LEU A 29 -0.52 10.06 14.54
N PRO A 30 0.35 9.47 15.32
CA PRO A 30 -0.10 8.62 16.46
C PRO A 30 -0.61 9.52 17.61
N ARG A 31 -1.84 9.96 17.53
CA ARG A 31 -2.40 10.83 18.60
C ARG A 31 -3.92 10.69 18.67
N ASP A 1 7.78 -15.76 8.50
CA ASP A 1 8.34 -14.56 7.82
C ASP A 1 8.41 -14.80 6.30
N THR A 2 7.41 -14.35 5.57
CA THR A 2 7.41 -14.56 4.08
C THR A 2 6.49 -13.54 3.41
N GLU A 3 6.78 -13.19 2.17
CA GLU A 3 5.92 -12.20 1.45
C GLU A 3 5.16 -12.88 0.29
N ILE A 4 4.85 -14.14 0.42
CA ILE A 4 4.11 -14.88 -0.66
C ILE A 4 4.83 -14.71 -2.01
N ILE A 5 6.11 -15.05 -2.06
CA ILE A 5 6.89 -14.92 -3.33
C ILE A 5 6.89 -13.46 -3.84
N GLY A 6 5.92 -13.10 -4.66
CA GLY A 6 5.86 -11.70 -5.17
C GLY A 6 6.85 -11.53 -6.33
N GLY A 7 6.85 -12.43 -7.29
CA GLY A 7 7.79 -12.31 -8.44
C GLY A 7 7.21 -11.33 -9.46
N LEU A 8 6.37 -11.82 -10.33
CA LEU A 8 5.75 -10.92 -11.37
C LEU A 8 4.23 -10.84 -11.15
N THR A 9 3.80 -10.80 -9.91
CA THR A 9 2.34 -10.72 -9.60
C THR A 9 2.10 -9.85 -8.36
N ILE A 10 2.60 -8.63 -8.37
CA ILE A 10 2.41 -7.73 -7.19
C ILE A 10 0.96 -7.22 -7.13
N PRO A 11 0.40 -7.25 -5.94
CA PRO A 11 -1.00 -6.79 -5.74
C PRO A 11 -1.05 -5.26 -5.59
N PRO A 12 -1.78 -4.62 -6.47
CA PRO A 12 -1.91 -3.14 -6.44
C PRO A 12 -2.81 -2.70 -5.26
N VAL A 13 -3.89 -3.40 -5.01
CA VAL A 13 -4.80 -3.03 -3.89
C VAL A 13 -4.06 -3.11 -2.54
N VAL A 14 -3.31 -4.17 -2.32
CA VAL A 14 -2.55 -4.29 -1.03
C VAL A 14 -1.66 -3.08 -0.84
N ALA A 15 -0.88 -2.73 -1.84
CA ALA A 15 0.00 -1.53 -1.74
C ALA A 15 -0.84 -0.26 -1.59
N LEU A 16 -1.95 -0.19 -2.29
CA LEU A 16 -2.83 1.01 -2.20
C LEU A 16 -3.32 1.19 -0.76
N VAL A 17 -3.66 0.11 -0.08
CA VAL A 17 -4.13 0.21 1.33
C VAL A 17 -2.98 0.76 2.21
N VAL A 18 -1.77 0.29 1.98
CA VAL A 18 -0.62 0.79 2.78
C VAL A 18 -0.33 2.25 2.41
N MET A 19 -0.36 2.55 1.13
CA MET A 19 -0.12 3.97 0.67
C MET A 19 -1.18 4.90 1.28
N SER A 20 -2.42 4.46 1.31
CA SER A 20 -3.51 5.31 1.89
C SER A 20 -3.19 5.64 3.35
N ARG A 21 -2.75 4.66 4.11
CA ARG A 21 -2.41 4.91 5.55
C ARG A 21 -1.25 5.91 5.63
N PHE A 22 -0.27 5.78 4.78
CA PHE A 22 0.89 6.72 4.80
C PHE A 22 0.41 8.16 4.54
N GLY A 23 -0.52 8.34 3.63
CA GLY A 23 -1.04 9.70 3.34
C GLY A 23 -1.67 10.28 4.61
N PHE A 24 -2.37 9.46 5.36
CA PHE A 24 -3.00 9.96 6.63
C PHE A 24 -1.93 10.12 7.71
N PHE A 25 -1.03 9.17 7.82
CA PHE A 25 0.05 9.27 8.86
C PHE A 25 0.90 10.53 8.63
N ALA A 26 1.04 10.97 7.40
CA ALA A 26 1.85 12.20 7.13
C ALA A 26 1.29 13.39 7.91
N HIS A 27 -0.01 13.52 7.99
CA HIS A 27 -0.62 14.67 8.75
C HIS A 27 -1.32 14.13 10.01
N LEU A 28 -0.78 13.11 10.63
CA LEU A 28 -1.40 12.54 11.86
C LEU A 28 -0.32 11.97 12.79
N LEU A 29 0.55 11.14 12.27
CA LEU A 29 1.65 10.52 13.08
C LEU A 29 1.08 9.58 14.16
N PRO A 30 1.89 8.67 14.61
CA PRO A 30 1.46 7.69 15.65
C PRO A 30 1.41 8.37 17.03
N ARG A 31 0.31 9.02 17.34
CA ARG A 31 0.16 9.71 18.67
C ARG A 31 1.27 10.76 18.86
N ASP A 1 11.71 -4.87 -6.13
CA ASP A 1 10.72 -4.09 -5.31
C ASP A 1 10.30 -4.91 -4.07
N THR A 2 9.23 -4.51 -3.42
CA THR A 2 8.76 -5.26 -2.21
C THR A 2 8.10 -6.58 -2.63
N GLU A 3 8.88 -7.60 -2.85
CA GLU A 3 8.29 -8.92 -3.26
C GLU A 3 7.98 -9.78 -2.03
N ILE A 4 7.07 -9.33 -1.21
CA ILE A 4 6.71 -10.12 0.01
C ILE A 4 5.70 -11.21 -0.36
N ILE A 5 4.72 -10.89 -1.16
CA ILE A 5 3.71 -11.90 -1.58
C ILE A 5 3.37 -11.72 -3.07
N GLY A 6 4.32 -11.95 -3.93
CA GLY A 6 4.08 -11.78 -5.39
C GLY A 6 4.99 -12.71 -6.19
N GLY A 7 5.91 -12.16 -6.94
CA GLY A 7 6.83 -13.00 -7.75
C GLY A 7 6.44 -12.91 -9.23
N LEU A 8 5.22 -13.23 -9.55
CA LEU A 8 4.76 -13.14 -10.97
C LEU A 8 3.41 -12.41 -11.06
N THR A 9 3.02 -11.73 -10.00
CA THR A 9 1.73 -10.97 -10.00
C THR A 9 1.67 -10.06 -8.77
N ILE A 10 1.95 -8.80 -8.96
CA ILE A 10 1.92 -7.85 -7.79
C ILE A 10 0.50 -7.38 -7.49
N PRO A 11 0.10 -7.51 -6.24
CA PRO A 11 -1.26 -7.09 -5.82
C PRO A 11 -1.31 -5.56 -5.60
N PRO A 12 -2.05 -4.88 -6.46
CA PRO A 12 -2.17 -3.41 -6.35
C PRO A 12 -3.13 -3.01 -5.21
N VAL A 13 -4.10 -3.83 -4.89
CA VAL A 13 -5.06 -3.48 -3.80
C VAL A 13 -4.35 -3.34 -2.44
N VAL A 14 -3.44 -4.23 -2.13
CA VAL A 14 -2.71 -4.12 -0.81
C VAL A 14 -1.70 -2.97 -0.85
N ALA A 15 -1.07 -2.75 -1.99
CA ALA A 15 -0.09 -1.64 -2.10
C ALA A 15 -0.80 -0.29 -1.98
N LEU A 16 -1.98 -0.17 -2.57
CA LEU A 16 -2.73 1.12 -2.49
C LEU A 16 -3.19 1.38 -1.05
N VAL A 17 -3.61 0.35 -0.34
CA VAL A 17 -4.06 0.55 1.08
C VAL A 17 -2.87 1.02 1.94
N VAL A 18 -1.71 0.45 1.73
CA VAL A 18 -0.51 0.87 2.53
C VAL A 18 -0.16 2.34 2.21
N MET A 19 -0.28 2.73 0.96
CA MET A 19 0.04 4.15 0.58
C MET A 19 -0.97 5.11 1.24
N SER A 20 -2.23 4.76 1.23
CA SER A 20 -3.26 5.66 1.85
C SER A 20 -2.98 5.82 3.35
N ARG A 21 -2.62 4.75 4.02
CA ARG A 21 -2.31 4.83 5.49
C ARG A 21 -1.08 5.73 5.70
N PHE A 22 -0.11 5.63 4.82
CA PHE A 22 1.13 6.47 4.96
C PHE A 22 0.75 7.96 4.89
N GLY A 23 -0.13 8.33 4.00
CA GLY A 23 -0.55 9.76 3.88
C GLY A 23 -1.33 10.16 5.13
N PHE A 24 -2.06 9.23 5.71
CA PHE A 24 -2.86 9.54 6.95
C PHE A 24 -1.92 9.96 8.09
N PHE A 25 -0.94 9.15 8.40
CA PHE A 25 0.01 9.51 9.50
C PHE A 25 0.77 10.80 9.15
N ALA A 26 1.06 11.03 7.89
CA ALA A 26 1.78 12.28 7.50
C ALA A 26 0.88 13.50 7.73
N HIS A 27 -0.40 13.37 7.47
CA HIS A 27 -1.33 14.52 7.69
C HIS A 27 -2.15 14.30 8.97
N LEU A 28 -1.48 14.03 10.07
CA LEU A 28 -2.21 13.81 11.37
C LEU A 28 -1.96 14.97 12.32
N LEU A 29 -0.71 15.35 12.52
CA LEU A 29 -0.37 16.48 13.44
C LEU A 29 -0.90 16.23 14.86
N PRO A 30 -0.09 15.56 15.65
CA PRO A 30 -0.48 15.24 17.05
C PRO A 30 -0.42 16.50 17.92
N ARG A 31 -1.42 17.35 17.81
CA ARG A 31 -1.45 18.60 18.63
C ARG A 31 -2.83 18.81 19.25
N ASP A 1 7.79 -26.69 2.67
CA ASP A 1 7.75 -26.02 1.33
C ASP A 1 6.68 -24.91 1.33
N THR A 2 7.02 -23.75 0.85
CA THR A 2 6.04 -22.62 0.82
C THR A 2 5.76 -22.21 -0.63
N GLU A 3 4.67 -21.51 -0.86
CA GLU A 3 4.31 -21.06 -2.25
C GLU A 3 4.18 -22.26 -3.19
N ILE A 4 3.12 -23.02 -3.06
CA ILE A 4 2.92 -24.22 -3.94
C ILE A 4 2.13 -23.83 -5.21
N ILE A 5 1.31 -22.81 -5.13
CA ILE A 5 0.52 -22.39 -6.33
C ILE A 5 0.31 -20.86 -6.32
N GLY A 6 0.05 -20.29 -7.47
CA GLY A 6 -0.16 -18.81 -7.54
C GLY A 6 1.01 -18.16 -8.28
N GLY A 7 2.18 -18.19 -7.71
CA GLY A 7 3.38 -17.58 -8.37
C GLY A 7 3.50 -16.10 -7.97
N LEU A 8 3.45 -15.82 -6.68
CA LEU A 8 3.56 -14.41 -6.19
C LEU A 8 2.56 -13.50 -6.92
N THR A 9 1.32 -13.92 -7.03
CA THR A 9 0.29 -13.09 -7.73
C THR A 9 -0.40 -12.16 -6.71
N ILE A 10 0.35 -11.29 -6.08
CA ILE A 10 -0.24 -10.35 -5.08
C ILE A 10 -1.05 -9.25 -5.78
N PRO A 11 -2.18 -8.92 -5.21
CA PRO A 11 -3.06 -7.87 -5.79
C PRO A 11 -2.47 -6.47 -5.53
N PRO A 12 -2.70 -5.57 -6.47
CA PRO A 12 -2.19 -4.18 -6.34
C PRO A 12 -2.97 -3.41 -5.26
N VAL A 13 -4.17 -3.85 -4.93
CA VAL A 13 -4.98 -3.15 -3.89
C VAL A 13 -4.20 -3.11 -2.55
N VAL A 14 -3.48 -4.18 -2.24
CA VAL A 14 -2.70 -4.20 -0.96
C VAL A 14 -1.69 -3.05 -0.94
N ALA A 15 -1.01 -2.82 -2.03
CA ALA A 15 -0.02 -1.70 -2.09
C ALA A 15 -0.74 -0.35 -1.96
N LEU A 16 -1.91 -0.24 -2.54
CA LEU A 16 -2.68 1.04 -2.44
C LEU A 16 -3.15 1.29 -1.00
N VAL A 17 -3.59 0.26 -0.32
CA VAL A 17 -4.05 0.42 1.10
C VAL A 17 -2.89 0.93 1.98
N VAL A 18 -1.68 0.47 1.72
CA VAL A 18 -0.52 0.94 2.54
C VAL A 18 -0.14 2.38 2.13
N MET A 19 -0.35 2.74 0.89
CA MET A 19 0.00 4.13 0.44
C MET A 19 -0.92 5.15 1.13
N SER A 20 -2.22 4.90 1.12
CA SER A 20 -3.16 5.86 1.79
C SER A 20 -2.88 5.94 3.29
N ARG A 21 -2.59 4.84 3.93
CA ARG A 21 -2.29 4.86 5.40
C ARG A 21 -1.04 5.71 5.66
N PHE A 22 -0.12 5.76 4.71
CA PHE A 22 1.11 6.58 4.90
C PHE A 22 0.74 8.06 4.88
N GLY A 23 -0.10 8.46 3.95
CA GLY A 23 -0.52 9.90 3.89
C GLY A 23 -1.36 10.24 5.13
N PHE A 24 -2.10 9.29 5.64
CA PHE A 24 -2.93 9.56 6.86
C PHE A 24 -2.03 9.95 8.03
N PHE A 25 -1.01 9.18 8.31
CA PHE A 25 -0.09 9.52 9.44
C PHE A 25 0.68 10.82 9.14
N ALA A 26 0.96 11.09 7.88
CA ALA A 26 1.69 12.34 7.52
C ALA A 26 0.92 13.58 8.02
N HIS A 27 -0.38 13.58 7.87
CA HIS A 27 -1.19 14.74 8.34
C HIS A 27 -1.94 14.40 9.63
N LEU A 28 -1.48 13.42 10.37
CA LEU A 28 -2.15 13.03 11.65
C LEU A 28 -1.15 12.37 12.61
N LEU A 29 0.03 12.92 12.72
CA LEU A 29 1.05 12.33 13.64
C LEU A 29 0.86 12.88 15.06
N PRO A 30 0.94 11.99 16.03
CA PRO A 30 0.77 12.39 17.45
C PRO A 30 2.02 13.11 17.98
N ARG A 31 2.29 14.30 17.49
CA ARG A 31 3.48 15.06 17.96
C ARG A 31 3.35 16.55 17.60
N ASP A 1 -5.97 -17.40 -20.84
CA ASP A 1 -4.64 -17.30 -21.52
C ASP A 1 -4.21 -15.84 -21.65
N THR A 2 -3.00 -15.61 -22.11
CA THR A 2 -2.51 -14.19 -22.26
C THR A 2 -3.12 -13.55 -23.52
N GLU A 3 -3.30 -12.25 -23.50
CA GLU A 3 -3.89 -11.56 -24.68
C GLU A 3 -2.80 -10.79 -25.44
N ILE A 4 -2.42 -9.64 -24.93
CA ILE A 4 -1.36 -8.83 -25.60
C ILE A 4 -0.34 -8.34 -24.56
N ILE A 5 -0.79 -7.58 -23.59
CA ILE A 5 0.15 -7.07 -22.54
C ILE A 5 -0.26 -7.59 -21.15
N GLY A 6 0.42 -7.16 -20.12
CA GLY A 6 0.07 -7.63 -18.74
C GLY A 6 0.97 -6.94 -17.72
N GLY A 7 0.45 -6.66 -16.55
CA GLY A 7 1.27 -5.98 -15.49
C GLY A 7 0.78 -6.40 -14.11
N LEU A 8 0.90 -7.66 -13.77
CA LEU A 8 0.45 -8.14 -12.43
C LEU A 8 1.65 -8.64 -11.61
N THR A 9 2.77 -7.95 -11.69
CA THR A 9 3.98 -8.37 -10.91
C THR A 9 3.78 -8.09 -9.41
N ILE A 10 2.89 -7.19 -9.07
CA ILE A 10 2.65 -6.86 -7.64
C ILE A 10 1.15 -6.55 -7.43
N PRO A 11 0.72 -6.64 -6.19
CA PRO A 11 -0.70 -6.37 -5.85
C PRO A 11 -0.96 -4.86 -5.75
N PRO A 12 -1.87 -4.38 -6.58
CA PRO A 12 -2.21 -2.93 -6.59
C PRO A 12 -3.03 -2.56 -5.34
N VAL A 13 -3.90 -3.44 -4.89
CA VAL A 13 -4.73 -3.14 -3.69
C VAL A 13 -3.84 -2.98 -2.44
N VAL A 14 -2.87 -3.85 -2.27
CA VAL A 14 -1.96 -3.74 -1.08
C VAL A 14 -1.25 -2.39 -1.08
N ALA A 15 -0.76 -1.95 -2.22
CA ALA A 15 -0.06 -0.63 -2.30
C ALA A 15 -1.03 0.51 -1.98
N LEU A 16 -2.26 0.42 -2.45
CA LEU A 16 -3.26 1.49 -2.17
C LEU A 16 -3.56 1.55 -0.66
N VAL A 17 -3.62 0.41 -0.01
CA VAL A 17 -3.91 0.41 1.46
C VAL A 17 -2.73 1.05 2.22
N VAL A 18 -1.52 0.76 1.81
CA VAL A 18 -0.33 1.36 2.49
C VAL A 18 -0.38 2.90 2.35
N MET A 19 -0.87 3.38 1.24
CA MET A 19 -0.96 4.86 1.04
C MET A 19 -2.02 5.45 2.01
N SER A 20 -3.08 4.72 2.25
CA SER A 20 -4.14 5.21 3.19
C SER A 20 -3.74 4.95 4.65
N ARG A 21 -2.65 4.26 4.88
CA ARG A 21 -2.21 3.98 6.28
C ARG A 21 -1.03 4.89 6.65
N PHE A 22 0.05 4.83 5.91
CA PHE A 22 1.22 5.70 6.22
C PHE A 22 1.03 7.08 5.58
N GLY A 23 0.56 7.12 4.36
CA GLY A 23 0.33 8.42 3.66
C GLY A 23 -0.68 9.25 4.46
N PHE A 24 -1.75 8.62 4.91
CA PHE A 24 -2.77 9.36 5.71
C PHE A 24 -2.13 9.97 6.96
N PHE A 25 -1.31 9.21 7.65
CA PHE A 25 -0.63 9.73 8.88
C PHE A 25 0.30 10.90 8.50
N ALA A 26 0.95 10.81 7.36
CA ALA A 26 1.86 11.92 6.94
C ALA A 26 1.09 13.24 6.82
N HIS A 27 -0.18 13.17 6.49
CA HIS A 27 -1.01 14.41 6.37
C HIS A 27 -1.73 14.71 7.69
N LEU A 28 -2.21 13.69 8.36
CA LEU A 28 -2.92 13.91 9.67
C LEU A 28 -1.92 14.11 10.80
N LEU A 29 -1.05 13.14 11.02
CA LEU A 29 -0.02 13.25 12.12
C LEU A 29 -0.69 13.28 13.49
N PRO A 30 0.11 13.09 14.53
CA PRO A 30 -0.42 13.09 15.91
C PRO A 30 -0.69 14.53 16.39
N ARG A 31 -1.30 14.67 17.55
CA ARG A 31 -1.59 16.04 18.08
C ARG A 31 -0.75 16.31 19.34
N ASP A 1 8.41 4.75 -19.37
CA ASP A 1 8.12 3.28 -19.20
C ASP A 1 9.44 2.50 -19.14
N THR A 2 9.60 1.67 -18.14
CA THR A 2 10.87 0.87 -18.02
C THR A 2 10.57 -0.53 -17.46
N GLU A 3 10.19 -1.45 -18.31
CA GLU A 3 9.88 -2.83 -17.84
C GLU A 3 11.09 -3.75 -18.07
N ILE A 4 12.19 -3.48 -17.42
CA ILE A 4 13.41 -4.35 -17.60
C ILE A 4 13.41 -5.46 -16.54
N ILE A 5 13.08 -5.13 -15.32
CA ILE A 5 13.05 -6.16 -14.24
C ILE A 5 11.63 -6.26 -13.65
N GLY A 6 10.67 -6.62 -14.48
CA GLY A 6 9.26 -6.74 -13.99
C GLY A 6 8.61 -5.36 -14.01
N GLY A 7 8.87 -4.54 -13.01
CA GLY A 7 8.26 -3.18 -12.96
C GLY A 7 6.98 -3.22 -12.12
N LEU A 8 6.10 -4.16 -12.39
CA LEU A 8 4.84 -4.26 -11.61
C LEU A 8 4.76 -5.63 -10.93
N THR A 9 5.70 -5.93 -10.07
CA THR A 9 5.69 -7.25 -9.37
C THR A 9 5.19 -7.09 -7.92
N ILE A 10 4.36 -6.11 -7.67
CA ILE A 10 3.84 -5.90 -6.28
C ILE A 10 2.31 -5.97 -6.27
N PRO A 11 1.75 -6.30 -5.12
CA PRO A 11 0.28 -6.40 -4.99
C PRO A 11 -0.37 -5.01 -4.99
N PRO A 12 -1.27 -4.80 -5.93
CA PRO A 12 -1.97 -3.49 -6.04
C PRO A 12 -2.95 -3.29 -4.88
N VAL A 13 -3.71 -4.30 -4.54
CA VAL A 13 -4.70 -4.16 -3.41
C VAL A 13 -3.94 -3.84 -2.11
N VAL A 14 -2.76 -4.38 -1.94
CA VAL A 14 -1.98 -4.10 -0.68
C VAL A 14 -1.29 -2.73 -0.81
N ALA A 15 -0.68 -2.48 -1.94
CA ALA A 15 0.01 -1.15 -2.14
C ALA A 15 -0.99 0.00 -2.03
N LEU A 16 -2.18 -0.16 -2.58
CA LEU A 16 -3.21 0.91 -2.50
C LEU A 16 -3.60 1.17 -1.04
N VAL A 17 -3.80 0.12 -0.27
CA VAL A 17 -4.17 0.31 1.18
C VAL A 17 -3.02 1.01 1.93
N VAL A 18 -1.79 0.68 1.60
CA VAL A 18 -0.63 1.33 2.29
C VAL A 18 -0.61 2.83 1.97
N MET A 19 -0.82 3.21 0.73
CA MET A 19 -0.82 4.66 0.37
C MET A 19 -1.94 5.39 1.13
N SER A 20 -3.09 4.79 1.26
CA SER A 20 -4.22 5.43 2.01
C SER A 20 -3.84 5.63 3.48
N ARG A 21 -2.96 4.82 4.01
CA ARG A 21 -2.55 4.96 5.43
C ARG A 21 -1.10 5.46 5.53
N PHE A 22 -0.58 6.05 4.47
CA PHE A 22 0.83 6.56 4.50
C PHE A 22 0.83 8.08 4.59
N GLY A 23 0.22 8.75 3.62
CA GLY A 23 0.19 10.24 3.64
C GLY A 23 -0.72 10.72 4.78
N PHE A 24 -1.85 10.08 4.96
CA PHE A 24 -2.78 10.49 6.06
C PHE A 24 -2.10 10.32 7.42
N PHE A 25 -1.46 9.20 7.65
CA PHE A 25 -0.76 8.98 8.95
C PHE A 25 0.36 10.01 9.12
N ALA A 26 1.07 10.32 8.07
CA ALA A 26 2.18 11.32 8.16
C ALA A 26 1.63 12.68 8.62
N HIS A 27 0.41 13.01 8.25
CA HIS A 27 -0.19 14.30 8.66
C HIS A 27 -1.32 14.05 9.66
N LEU A 28 -1.03 13.36 10.74
CA LEU A 28 -2.09 13.07 11.75
C LEU A 28 -1.66 13.56 13.15
N LEU A 29 -0.64 12.96 13.71
CA LEU A 29 -0.18 13.40 15.07
C LEU A 29 1.28 13.00 15.29
N PRO A 30 2.13 13.99 15.42
CA PRO A 30 3.59 13.75 15.64
C PRO A 30 3.82 13.25 17.08
N ARG A 31 3.73 11.95 17.28
CA ARG A 31 3.94 11.36 18.65
C ARG A 31 3.00 12.01 19.68
N ASP A 1 -3.82 -1.45 -25.17
CA ASP A 1 -4.08 -2.90 -24.91
C ASP A 1 -2.85 -3.76 -25.24
N THR A 2 -1.68 -3.29 -24.90
CA THR A 2 -0.44 -4.06 -25.18
C THR A 2 0.12 -4.68 -23.90
N GLU A 3 -0.19 -5.91 -23.63
CA GLU A 3 0.31 -6.57 -22.39
C GLU A 3 0.23 -8.10 -22.53
N ILE A 4 1.36 -8.76 -22.62
CA ILE A 4 1.35 -10.25 -22.75
C ILE A 4 2.29 -10.88 -21.71
N ILE A 5 2.20 -12.17 -21.53
CA ILE A 5 3.06 -12.88 -20.53
C ILE A 5 2.87 -12.28 -19.13
N GLY A 6 1.85 -12.71 -18.43
CA GLY A 6 1.61 -12.17 -17.06
C GLY A 6 2.44 -12.96 -16.04
N GLY A 7 3.71 -12.64 -15.93
CA GLY A 7 4.59 -13.36 -14.96
C GLY A 7 4.27 -12.92 -13.53
N LEU A 8 4.39 -11.64 -13.26
CA LEU A 8 4.09 -11.13 -11.88
C LEU A 8 3.00 -10.07 -11.94
N THR A 9 1.87 -10.40 -12.51
CA THR A 9 0.75 -9.40 -12.60
C THR A 9 -0.12 -9.46 -11.33
N ILE A 10 0.39 -8.98 -10.24
CA ILE A 10 -0.39 -9.00 -8.96
C ILE A 10 -1.36 -7.81 -8.91
N PRO A 11 -2.47 -8.02 -8.24
CA PRO A 11 -3.48 -6.94 -8.11
C PRO A 11 -2.98 -5.83 -7.16
N PRO A 12 -3.07 -4.61 -7.62
CA PRO A 12 -2.61 -3.45 -6.80
C PRO A 12 -3.63 -3.12 -5.71
N VAL A 13 -3.80 -4.01 -4.76
CA VAL A 13 -4.78 -3.77 -3.66
C VAL A 13 -4.02 -3.50 -2.35
N VAL A 14 -3.11 -4.38 -1.97
CA VAL A 14 -2.35 -4.18 -0.71
C VAL A 14 -1.53 -2.87 -0.78
N ALA A 15 -1.00 -2.53 -1.92
CA ALA A 15 -0.20 -1.26 -2.05
C ALA A 15 -1.14 -0.06 -1.94
N LEU A 16 -2.33 -0.15 -2.49
CA LEU A 16 -3.30 0.99 -2.41
C LEU A 16 -3.67 1.27 -0.96
N VAL A 17 -3.69 0.26 -0.13
CA VAL A 17 -4.04 0.48 1.30
C VAL A 17 -2.83 1.02 2.07
N VAL A 18 -1.64 0.59 1.72
CA VAL A 18 -0.41 1.08 2.43
C VAL A 18 -0.08 2.53 2.02
N MET A 19 -0.24 2.87 0.76
CA MET A 19 0.08 4.27 0.32
C MET A 19 -0.81 5.29 1.04
N SER A 20 -2.02 4.91 1.39
CA SER A 20 -2.92 5.85 2.11
C SER A 20 -2.65 5.79 3.62
N ARG A 21 -2.18 4.66 4.11
CA ARG A 21 -1.89 4.52 5.56
C ARG A 21 -0.84 5.54 6.02
N PHE A 22 0.34 5.51 5.43
CA PHE A 22 1.41 6.49 5.85
C PHE A 22 1.01 7.92 5.44
N GLY A 23 0.30 8.08 4.36
CA GLY A 23 -0.13 9.45 3.93
C GLY A 23 -1.09 10.04 4.97
N PHE A 24 -2.00 9.23 5.47
CA PHE A 24 -2.97 9.73 6.49
C PHE A 24 -2.22 10.14 7.77
N PHE A 25 -1.45 9.24 8.33
CA PHE A 25 -0.68 9.57 9.57
C PHE A 25 0.23 10.79 9.34
N ALA A 26 0.78 10.93 8.16
CA ALA A 26 1.68 12.09 7.87
C ALA A 26 0.86 13.38 7.72
N HIS A 27 -0.36 13.30 7.24
CA HIS A 27 -1.19 14.53 7.06
C HIS A 27 -2.38 14.54 8.03
N LEU A 28 -2.14 14.24 9.29
CA LEU A 28 -3.26 14.24 10.28
C LEU A 28 -3.02 15.31 11.35
N LEU A 29 -1.88 15.27 12.00
CA LEU A 29 -1.58 16.29 13.06
C LEU A 29 -0.62 17.35 12.50
N PRO A 30 -1.11 18.56 12.37
CA PRO A 30 -0.29 19.67 11.83
C PRO A 30 0.73 20.14 12.89
N ARG A 31 1.96 19.68 12.79
CA ARG A 31 3.00 20.09 13.78
C ARG A 31 4.33 20.40 13.06
N ASP A 1 17.54 -2.98 -12.01
CA ASP A 1 17.15 -2.83 -13.44
C ASP A 1 15.79 -3.51 -13.70
N THR A 2 15.30 -3.41 -14.90
CA THR A 2 13.97 -4.03 -15.23
C THR A 2 14.18 -5.24 -16.15
N GLU A 3 13.58 -6.37 -15.81
CA GLU A 3 13.74 -7.59 -16.66
C GLU A 3 12.37 -8.00 -17.24
N ILE A 4 11.70 -8.95 -16.62
CA ILE A 4 10.36 -9.38 -17.13
C ILE A 4 9.24 -9.02 -16.13
N ILE A 5 9.56 -8.90 -14.86
CA ILE A 5 8.53 -8.55 -13.83
C ILE A 5 7.36 -9.54 -13.88
N GLY A 6 7.65 -10.82 -13.86
CA GLY A 6 6.56 -11.84 -13.90
C GLY A 6 6.54 -12.59 -12.57
N GLY A 7 5.73 -12.16 -11.64
CA GLY A 7 5.65 -12.84 -10.32
C GLY A 7 6.94 -12.57 -9.52
N LEU A 8 7.32 -11.31 -9.41
CA LEU A 8 8.56 -10.97 -8.67
C LEU A 8 8.50 -9.52 -8.17
N THR A 9 7.34 -9.06 -7.77
CA THR A 9 7.20 -7.66 -7.28
C THR A 9 6.18 -7.62 -6.12
N ILE A 10 5.24 -6.70 -6.14
CA ILE A 10 4.23 -6.62 -5.05
C ILE A 10 2.83 -6.35 -5.63
N PRO A 11 1.82 -6.77 -4.90
CA PRO A 11 0.42 -6.57 -5.35
C PRO A 11 0.01 -5.09 -5.21
N PRO A 12 -0.70 -4.61 -6.21
CA PRO A 12 -1.15 -3.18 -6.21
C PRO A 12 -2.29 -2.97 -5.20
N VAL A 13 -3.18 -3.93 -5.05
CA VAL A 13 -4.31 -3.77 -4.08
C VAL A 13 -3.77 -3.60 -2.64
N VAL A 14 -2.71 -4.31 -2.30
CA VAL A 14 -2.14 -4.17 -0.93
C VAL A 14 -1.39 -2.83 -0.80
N ALA A 15 -0.76 -2.39 -1.87
CA ALA A 15 -0.02 -1.08 -1.82
C ALA A 15 -1.02 0.07 -1.75
N LEU A 16 -2.13 -0.02 -2.44
CA LEU A 16 -3.15 1.07 -2.40
C LEU A 16 -3.69 1.23 -0.97
N VAL A 17 -3.95 0.13 -0.30
CA VAL A 17 -4.47 0.20 1.11
C VAL A 17 -3.40 0.85 2.00
N VAL A 18 -2.15 0.53 1.78
CA VAL A 18 -1.06 1.14 2.61
C VAL A 18 -0.90 2.62 2.23
N MET A 19 -1.13 2.97 0.98
CA MET A 19 -1.00 4.40 0.56
C MET A 19 -1.95 5.29 1.37
N SER A 20 -3.21 4.94 1.45
CA SER A 20 -4.18 5.76 2.25
C SER A 20 -3.73 5.81 3.72
N ARG A 21 -3.28 4.68 4.24
CA ARG A 21 -2.80 4.65 5.65
C ARG A 21 -1.55 5.51 5.80
N PHE A 22 -0.64 5.42 4.86
CA PHE A 22 0.61 6.24 4.91
C PHE A 22 0.28 7.74 4.79
N GLY A 23 -0.66 8.08 3.94
CA GLY A 23 -1.04 9.51 3.77
C GLY A 23 -1.53 10.07 5.11
N PHE A 24 -2.34 9.31 5.83
CA PHE A 24 -2.84 9.79 7.15
C PHE A 24 -1.67 10.02 8.11
N PHE A 25 -0.69 9.14 8.09
CA PHE A 25 0.50 9.31 8.98
C PHE A 25 1.36 10.48 8.51
N ALA A 26 1.32 10.82 7.24
CA ALA A 26 2.13 11.96 6.73
C ALA A 26 1.68 13.27 7.37
N HIS A 27 0.39 13.50 7.42
CA HIS A 27 -0.13 14.76 8.04
C HIS A 27 -0.22 14.59 9.57
N LEU A 28 -0.58 13.42 10.02
CA LEU A 28 -0.69 13.18 11.50
C LEU A 28 0.44 12.25 11.96
N LEU A 29 1.67 12.62 11.66
CA LEU A 29 2.83 11.76 12.06
C LEU A 29 3.11 11.91 13.57
N PRO A 30 3.38 10.80 14.21
CA PRO A 30 3.67 10.80 15.67
C PRO A 30 5.09 11.34 15.94
N ARG A 31 5.50 11.35 17.19
CA ARG A 31 6.87 11.86 17.53
C ARG A 31 7.92 10.77 17.27
N ASP A 1 -2.32 -10.21 2.23
CA ASP A 1 -1.46 -11.30 2.78
C ASP A 1 -1.84 -12.65 2.17
N THR A 2 -0.93 -13.60 2.16
CA THR A 2 -1.23 -14.95 1.57
C THR A 2 -1.58 -14.82 0.08
N GLU A 3 -1.91 -15.91 -0.58
CA GLU A 3 -2.26 -15.85 -2.04
C GLU A 3 -1.15 -15.14 -2.83
N ILE A 4 0.01 -15.76 -2.93
CA ILE A 4 1.13 -15.12 -3.68
C ILE A 4 1.24 -15.72 -5.09
N ILE A 5 0.20 -15.57 -5.89
CA ILE A 5 0.23 -16.12 -7.27
C ILE A 5 0.82 -15.07 -8.23
N GLY A 6 1.71 -15.48 -9.10
CA GLY A 6 2.33 -14.52 -10.06
C GLY A 6 1.48 -14.45 -11.33
N GLY A 7 0.26 -13.97 -11.22
CA GLY A 7 -0.62 -13.85 -12.42
C GLY A 7 -0.59 -12.42 -12.94
N LEU A 8 -0.76 -11.46 -12.08
CA LEU A 8 -0.74 -10.02 -12.53
C LEU A 8 0.02 -9.17 -11.50
N THR A 9 1.22 -9.58 -11.15
CA THR A 9 2.04 -8.80 -10.16
C THR A 9 1.24 -8.54 -8.88
N ILE A 10 0.61 -9.57 -8.34
CA ILE A 10 -0.22 -9.45 -7.08
C ILE A 10 -1.34 -8.40 -7.23
N PRO A 11 -2.23 -8.38 -6.28
CA PRO A 11 -3.36 -7.42 -6.30
C PRO A 11 -2.87 -6.02 -5.87
N PRO A 12 -3.26 -5.03 -6.64
CA PRO A 12 -2.86 -3.63 -6.33
C PRO A 12 -3.65 -3.07 -5.13
N VAL A 13 -4.71 -3.74 -4.72
CA VAL A 13 -5.52 -3.24 -3.57
C VAL A 13 -4.66 -3.10 -2.29
N VAL A 14 -3.80 -4.05 -2.03
CA VAL A 14 -2.93 -3.94 -0.80
C VAL A 14 -1.92 -2.80 -0.97
N ALA A 15 -1.39 -2.61 -2.15
CA ALA A 15 -0.41 -1.50 -2.38
C ALA A 15 -1.12 -0.14 -2.20
N LEU A 16 -2.34 -0.03 -2.66
CA LEU A 16 -3.10 1.25 -2.51
C LEU A 16 -3.37 1.55 -1.02
N VAL A 17 -3.53 0.52 -0.21
CA VAL A 17 -3.79 0.76 1.24
C VAL A 17 -2.47 1.08 1.98
N VAL A 18 -1.37 0.53 1.54
CA VAL A 18 -0.06 0.81 2.23
C VAL A 18 0.40 2.24 1.94
N MET A 19 0.38 2.66 0.69
CA MET A 19 0.83 4.05 0.36
C MET A 19 -0.07 5.10 1.03
N SER A 20 -1.30 4.76 1.33
CA SER A 20 -2.22 5.74 1.99
C SER A 20 -2.05 5.68 3.51
N ARG A 21 -1.61 4.56 4.03
CA ARG A 21 -1.41 4.43 5.52
C ARG A 21 -0.45 5.50 6.04
N PHE A 22 0.76 5.53 5.53
CA PHE A 22 1.74 6.56 5.98
C PHE A 22 1.25 7.97 5.59
N GLY A 23 0.64 8.11 4.45
CA GLY A 23 0.12 9.45 4.01
C GLY A 23 -0.97 9.92 4.98
N PHE A 24 -1.84 9.02 5.40
CA PHE A 24 -2.93 9.40 6.36
C PHE A 24 -2.33 9.88 7.68
N PHE A 25 -1.40 9.14 8.24
CA PHE A 25 -0.76 9.55 9.54
C PHE A 25 -0.15 10.95 9.40
N ALA A 26 0.47 11.25 8.29
CA ALA A 26 1.08 12.60 8.10
C ALA A 26 -0.02 13.66 7.90
N HIS A 27 -1.04 13.34 7.15
CA HIS A 27 -2.15 14.33 6.92
C HIS A 27 -3.34 14.02 7.85
N LEU A 28 -3.09 13.78 9.10
CA LEU A 28 -4.21 13.47 10.05
C LEU A 28 -4.67 14.75 10.76
N LEU A 29 -3.73 15.56 11.21
CA LEU A 29 -4.11 16.82 11.92
C LEU A 29 -3.36 18.01 11.31
N PRO A 30 -4.06 19.12 11.17
CA PRO A 30 -3.46 20.34 10.60
C PRO A 30 -2.54 21.02 11.63
N ARG A 31 -1.27 20.67 11.63
CA ARG A 31 -0.31 21.29 12.61
C ARG A 31 1.02 21.60 11.92
N ASP A 1 23.08 -1.42 -13.73
CA ASP A 1 21.70 -1.71 -14.21
C ASP A 1 21.06 -2.82 -13.36
N THR A 2 19.89 -2.57 -12.81
CA THR A 2 19.22 -3.61 -11.97
C THR A 2 17.68 -3.43 -12.03
N GLU A 3 16.96 -4.42 -11.57
CA GLU A 3 15.47 -4.33 -11.59
C GLU A 3 14.88 -5.21 -10.46
N ILE A 4 14.31 -6.35 -10.79
CA ILE A 4 13.72 -7.26 -9.75
C ILE A 4 12.59 -6.55 -8.98
N ILE A 5 12.93 -5.78 -7.96
CA ILE A 5 11.89 -5.05 -7.14
C ILE A 5 10.96 -6.05 -6.42
N GLY A 6 10.95 -6.01 -5.11
CA GLY A 6 10.07 -6.94 -4.35
C GLY A 6 8.62 -6.45 -4.39
N GLY A 7 7.97 -6.60 -5.51
CA GLY A 7 6.55 -6.14 -5.63
C GLY A 7 5.79 -7.06 -6.60
N LEU A 8 6.06 -8.34 -6.57
CA LEU A 8 5.35 -9.29 -7.48
C LEU A 8 4.43 -10.24 -6.69
N THR A 9 4.40 -10.12 -5.39
CA THR A 9 3.52 -11.00 -4.55
C THR A 9 2.43 -10.17 -3.87
N ILE A 10 2.06 -9.06 -4.47
CA ILE A 10 1.00 -8.19 -3.86
C ILE A 10 0.15 -7.54 -4.97
N PRO A 11 -1.15 -7.66 -4.83
CA PRO A 11 -2.08 -7.06 -5.83
C PRO A 11 -2.11 -5.53 -5.69
N PRO A 12 -2.81 -4.89 -6.61
CA PRO A 12 -2.92 -3.40 -6.58
C PRO A 12 -3.76 -2.93 -5.38
N VAL A 13 -4.62 -3.77 -4.86
CA VAL A 13 -5.47 -3.37 -3.69
C VAL A 13 -4.60 -3.26 -2.42
N VAL A 14 -3.84 -4.28 -2.10
CA VAL A 14 -2.96 -4.21 -0.88
C VAL A 14 -1.93 -3.09 -1.02
N ALA A 15 -1.45 -2.84 -2.22
CA ALA A 15 -0.45 -1.75 -2.42
C ALA A 15 -1.11 -0.39 -2.15
N LEU A 16 -2.34 -0.22 -2.58
CA LEU A 16 -3.07 1.07 -2.34
C LEU A 16 -3.32 1.26 -0.84
N VAL A 17 -3.66 0.19 -0.15
CA VAL A 17 -3.91 0.29 1.32
C VAL A 17 -2.63 0.72 2.06
N VAL A 18 -1.48 0.31 1.55
CA VAL A 18 -0.19 0.71 2.21
C VAL A 18 0.13 2.17 1.90
N MET A 19 -0.07 2.58 0.66
CA MET A 19 0.21 4.00 0.26
C MET A 19 -0.73 4.95 1.02
N SER A 20 -1.96 4.55 1.24
CA SER A 20 -2.92 5.44 1.97
C SER A 20 -2.81 5.18 3.49
N ARG A 21 -1.60 5.18 4.00
CA ARG A 21 -1.41 4.94 5.47
C ARG A 21 -0.24 5.78 6.01
N PHE A 22 0.95 5.59 5.46
CA PHE A 22 2.14 6.37 5.94
C PHE A 22 1.92 7.88 5.70
N GLY A 23 1.65 8.25 4.47
CA GLY A 23 1.41 9.70 4.16
C GLY A 23 0.08 10.15 4.78
N PHE A 24 -0.86 9.26 4.90
CA PHE A 24 -2.19 9.62 5.50
C PHE A 24 -2.02 10.02 6.97
N PHE A 25 -1.19 9.31 7.71
CA PHE A 25 -0.96 9.64 9.15
C PHE A 25 -0.47 11.08 9.31
N ALA A 26 0.27 11.59 8.35
CA ALA A 26 0.78 12.99 8.44
C ALA A 26 -0.36 13.99 8.65
N HIS A 27 -1.44 13.85 7.92
CA HIS A 27 -2.59 14.78 8.09
C HIS A 27 -3.77 14.06 8.75
N LEU A 28 -3.53 13.33 9.80
CA LEU A 28 -4.64 12.60 10.50
C LEU A 28 -4.87 13.17 11.90
N LEU A 29 -3.82 13.45 12.64
CA LEU A 29 -3.99 14.00 14.02
C LEU A 29 -3.39 15.41 14.12
N PRO A 30 -4.27 16.40 14.26
CA PRO A 30 -3.83 17.81 14.35
C PRO A 30 -3.24 18.09 15.75
N ARG A 31 -2.49 19.16 15.88
CA ARG A 31 -1.87 19.52 17.21
C ARG A 31 -0.95 18.39 17.71
N ASP A 1 -5.37 -22.01 6.01
CA ASP A 1 -4.61 -20.77 5.66
C ASP A 1 -5.05 -20.25 4.29
N THR A 2 -5.62 -19.06 4.25
CA THR A 2 -6.07 -18.49 2.94
C THR A 2 -5.83 -16.98 2.91
N GLU A 3 -4.88 -16.54 2.13
CA GLU A 3 -4.57 -15.08 2.03
C GLU A 3 -3.84 -14.75 0.72
N ILE A 4 -4.31 -15.26 -0.38
CA ILE A 4 -3.64 -14.98 -1.70
C ILE A 4 -4.50 -14.01 -2.52
N ILE A 5 -4.07 -12.77 -2.62
CA ILE A 5 -4.84 -11.76 -3.41
C ILE A 5 -3.89 -10.96 -4.32
N GLY A 6 -3.21 -11.63 -5.21
CA GLY A 6 -2.27 -10.92 -6.13
C GLY A 6 -2.32 -11.58 -7.51
N GLY A 7 -1.30 -12.32 -7.87
CA GLY A 7 -1.27 -13.01 -9.20
C GLY A 7 0.16 -13.38 -9.55
N LEU A 8 0.99 -12.41 -9.85
CA LEU A 8 2.41 -12.72 -10.19
C LEU A 8 3.35 -12.13 -9.12
N THR A 9 3.13 -12.47 -7.88
CA THR A 9 3.98 -11.96 -6.76
C THR A 9 3.94 -10.42 -6.73
N ILE A 10 2.80 -9.83 -7.03
CA ILE A 10 2.68 -8.34 -7.01
C ILE A 10 1.31 -7.93 -6.46
N PRO A 11 1.32 -7.33 -5.28
CA PRO A 11 0.07 -6.88 -4.63
C PRO A 11 -0.35 -5.48 -5.15
N PRO A 12 -1.43 -5.44 -5.89
CA PRO A 12 -1.92 -4.15 -6.44
C PRO A 12 -2.77 -3.38 -5.41
N VAL A 13 -3.93 -3.87 -5.05
CA VAL A 13 -4.79 -3.14 -4.06
C VAL A 13 -4.10 -3.06 -2.70
N VAL A 14 -3.42 -4.11 -2.29
CA VAL A 14 -2.72 -4.09 -0.96
C VAL A 14 -1.74 -2.91 -0.91
N ALA A 15 -1.01 -2.68 -1.98
CA ALA A 15 -0.04 -1.54 -2.00
C ALA A 15 -0.81 -0.21 -1.93
N LEU A 16 -1.93 -0.11 -2.59
CA LEU A 16 -2.75 1.14 -2.56
C LEU A 16 -3.25 1.40 -1.13
N VAL A 17 -3.68 0.37 -0.45
CA VAL A 17 -4.18 0.54 0.96
C VAL A 17 -3.03 1.04 1.85
N VAL A 18 -1.85 0.49 1.67
CA VAL A 18 -0.68 0.93 2.51
C VAL A 18 -0.38 2.41 2.21
N MET A 19 -0.50 2.81 0.96
CA MET A 19 -0.24 4.25 0.61
C MET A 19 -1.25 5.15 1.33
N SER A 20 -2.50 4.74 1.39
CA SER A 20 -3.52 5.56 2.10
C SER A 20 -3.15 5.70 3.58
N ARG A 21 -2.68 4.63 4.18
CA ARG A 21 -2.27 4.69 5.63
C ARG A 21 -1.15 5.72 5.81
N PHE A 22 -0.18 5.72 4.92
CA PHE A 22 0.95 6.70 5.02
C PHE A 22 0.41 8.13 4.90
N GLY A 23 -0.54 8.36 4.01
CA GLY A 23 -1.11 9.72 3.85
C GLY A 23 -1.70 10.18 5.19
N PHE A 24 -2.39 9.31 5.87
CA PHE A 24 -2.98 9.67 7.20
C PHE A 24 -1.87 9.99 8.20
N PHE A 25 -0.85 9.15 8.24
CA PHE A 25 0.29 9.40 9.18
C PHE A 25 1.01 10.70 8.80
N ALA A 26 1.18 10.94 7.53
CA ALA A 26 1.87 12.20 7.08
C ALA A 26 1.08 13.43 7.56
N HIS A 27 -0.22 13.34 7.59
CA HIS A 27 -1.04 14.50 8.06
C HIS A 27 -0.85 14.71 9.57
N LEU A 28 -0.64 13.65 10.31
CA LEU A 28 -0.43 13.78 11.79
C LEU A 28 1.03 14.11 12.09
N LEU A 29 1.91 13.14 11.95
CA LEU A 29 3.38 13.38 12.23
C LEU A 29 3.61 13.71 13.71
N PRO A 30 4.82 13.50 14.16
CA PRO A 30 5.18 13.78 15.58
C PRO A 30 5.32 15.29 15.82
N ARG A 31 5.46 15.69 17.06
CA ARG A 31 5.60 17.14 17.37
C ARG A 31 6.52 17.35 18.58
N ASP A 1 3.40 -22.29 -23.35
CA ASP A 1 4.16 -21.25 -24.11
C ASP A 1 3.28 -19.99 -24.31
N THR A 2 3.92 -18.85 -24.51
CA THR A 2 3.16 -17.57 -24.71
C THR A 2 2.31 -17.24 -23.48
N GLU A 3 2.77 -16.31 -22.66
CA GLU A 3 2.01 -15.92 -21.42
C GLU A 3 1.72 -17.14 -20.53
N ILE A 4 2.62 -17.46 -19.63
CA ILE A 4 2.41 -18.63 -18.74
C ILE A 4 2.35 -18.19 -17.26
N ILE A 5 3.44 -17.69 -16.74
CA ILE A 5 3.45 -17.23 -15.31
C ILE A 5 4.13 -15.86 -15.17
N GLY A 6 4.01 -15.02 -16.16
CA GLY A 6 4.65 -13.67 -16.08
C GLY A 6 3.60 -12.59 -16.41
N GLY A 7 2.38 -12.78 -15.96
CA GLY A 7 1.31 -11.77 -16.24
C GLY A 7 1.29 -10.72 -15.12
N LEU A 8 1.26 -11.14 -13.88
CA LEU A 8 1.24 -10.19 -12.74
C LEU A 8 0.03 -9.24 -12.84
N THR A 9 -1.06 -9.70 -13.40
CA THR A 9 -2.27 -8.84 -13.53
C THR A 9 -3.17 -9.01 -12.30
N ILE A 10 -2.69 -8.62 -11.16
CA ILE A 10 -3.51 -8.75 -9.90
C ILE A 10 -4.03 -7.38 -9.46
N PRO A 11 -5.06 -7.39 -8.65
CA PRO A 11 -5.65 -6.12 -8.14
C PRO A 11 -4.75 -5.49 -7.08
N PRO A 12 -4.21 -4.34 -7.41
CA PRO A 12 -3.32 -3.61 -6.47
C PRO A 12 -4.14 -2.84 -5.44
N VAL A 13 -4.78 -3.54 -4.54
CA VAL A 13 -5.61 -2.86 -3.49
C VAL A 13 -4.90 -2.91 -2.13
N VAL A 14 -4.31 -4.02 -1.79
CA VAL A 14 -3.59 -4.12 -0.48
C VAL A 14 -2.29 -3.30 -0.52
N ALA A 15 -1.63 -3.27 -1.66
CA ALA A 15 -0.37 -2.48 -1.78
C ALA A 15 -0.69 -0.97 -1.78
N LEU A 16 -1.78 -0.59 -2.40
CA LEU A 16 -2.17 0.85 -2.43
C LEU A 16 -2.58 1.33 -1.03
N VAL A 17 -3.28 0.49 -0.29
CA VAL A 17 -3.71 0.89 1.10
C VAL A 17 -2.47 1.15 1.97
N VAL A 18 -1.42 0.38 1.79
CA VAL A 18 -0.18 0.59 2.59
C VAL A 18 0.54 1.87 2.12
N MET A 19 0.45 2.17 0.84
CA MET A 19 1.12 3.41 0.32
C MET A 19 0.42 4.67 0.87
N SER A 20 -0.89 4.66 0.94
CA SER A 20 -1.62 5.86 1.46
C SER A 20 -1.50 5.95 2.99
N ARG A 21 -1.13 4.87 3.66
CA ARG A 21 -0.99 4.90 5.15
C ARG A 21 -0.03 6.03 5.58
N PHE A 22 1.04 6.23 4.84
CA PHE A 22 2.01 7.32 5.20
C PHE A 22 1.33 8.68 5.08
N GLY A 23 0.66 8.94 3.98
CA GLY A 23 -0.03 10.25 3.80
C GLY A 23 -1.15 10.40 4.84
N PHE A 24 -1.94 9.37 5.02
CA PHE A 24 -3.04 9.44 6.02
C PHE A 24 -2.47 9.68 7.43
N PHE A 25 -1.39 9.02 7.75
CA PHE A 25 -0.77 9.21 9.10
C PHE A 25 -0.31 10.67 9.27
N ALA A 26 0.28 11.25 8.25
CA ALA A 26 0.73 12.66 8.35
C ALA A 26 -0.46 13.61 8.57
N HIS A 27 -1.63 13.24 8.11
CA HIS A 27 -2.83 14.11 8.29
C HIS A 27 -3.60 13.72 9.57
N LEU A 28 -3.60 12.46 9.93
CA LEU A 28 -4.32 12.03 11.16
C LEU A 28 -3.41 12.06 12.39
N LEU A 29 -2.54 13.04 12.48
CA LEU A 29 -1.63 13.14 13.66
C LEU A 29 -1.67 14.56 14.25
N PRO A 30 -2.06 14.63 15.51
CA PRO A 30 -2.15 15.94 16.19
C PRO A 30 -0.75 16.50 16.51
N ARG A 31 -0.68 17.75 16.89
CA ARG A 31 0.65 18.36 17.22
C ARG A 31 0.90 18.35 18.74
N ASP A 1 4.65 -11.48 -3.57
CA ASP A 1 4.99 -12.83 -4.10
C ASP A 1 5.59 -12.70 -5.51
N THR A 2 6.77 -13.25 -5.72
CA THR A 2 7.42 -13.16 -7.06
C THR A 2 8.56 -14.19 -7.16
N GLU A 3 8.29 -15.35 -7.68
CA GLU A 3 9.35 -16.40 -7.79
C GLU A 3 9.83 -16.50 -9.25
N ILE A 4 10.38 -15.42 -9.77
CA ILE A 4 10.87 -15.43 -11.18
C ILE A 4 11.88 -14.29 -11.38
N ILE A 5 12.65 -14.35 -12.44
CA ILE A 5 13.66 -13.27 -12.71
C ILE A 5 12.94 -12.00 -13.22
N GLY A 6 13.45 -10.86 -12.87
CA GLY A 6 12.82 -9.57 -13.32
C GLY A 6 12.32 -8.78 -12.11
N GLY A 7 11.51 -9.39 -11.28
CA GLY A 7 10.98 -8.67 -10.08
C GLY A 7 10.02 -7.56 -10.52
N LEU A 8 8.99 -7.91 -11.25
CA LEU A 8 8.01 -6.88 -11.72
C LEU A 8 6.57 -7.30 -11.41
N THR A 9 6.39 -8.29 -10.56
CA THR A 9 5.00 -8.72 -10.22
C THR A 9 4.75 -8.52 -8.72
N ILE A 10 4.35 -7.32 -8.34
CA ILE A 10 4.07 -7.04 -6.90
C ILE A 10 2.56 -6.94 -6.65
N PRO A 11 2.17 -7.12 -5.41
CA PRO A 11 0.73 -7.05 -5.04
C PRO A 11 0.23 -5.59 -5.11
N PRO A 12 -0.68 -5.34 -6.02
CA PRO A 12 -1.25 -3.98 -6.19
C PRO A 12 -2.30 -3.67 -5.10
N VAL A 13 -3.06 -4.66 -4.67
CA VAL A 13 -4.09 -4.43 -3.63
C VAL A 13 -3.46 -3.90 -2.32
N VAL A 14 -2.45 -4.57 -1.82
CA VAL A 14 -1.79 -4.11 -0.56
C VAL A 14 -1.19 -2.71 -0.75
N ALA A 15 -0.68 -2.41 -1.92
CA ALA A 15 -0.10 -1.05 -2.16
C ALA A 15 -1.20 0.00 -2.19
N LEU A 16 -2.33 -0.32 -2.78
CA LEU A 16 -3.47 0.65 -2.84
C LEU A 16 -3.96 0.98 -1.42
N VAL A 17 -3.95 0.02 -0.54
CA VAL A 17 -4.40 0.26 0.87
C VAL A 17 -3.37 1.14 1.60
N VAL A 18 -2.10 0.88 1.40
CA VAL A 18 -1.04 1.70 2.06
C VAL A 18 -1.12 3.17 1.59
N MET A 19 -1.57 3.38 0.38
CA MET A 19 -1.68 4.78 -0.16
C MET A 19 -2.64 5.60 0.71
N SER A 20 -3.76 5.03 1.11
CA SER A 20 -4.72 5.78 1.96
C SER A 20 -4.42 5.53 3.45
N ARG A 21 -3.17 5.49 3.81
CA ARG A 21 -2.79 5.25 5.24
C ARG A 21 -1.48 5.98 5.59
N PHE A 22 -0.50 5.95 4.71
CA PHE A 22 0.80 6.63 5.01
C PHE A 22 0.60 8.14 5.17
N GLY A 23 -0.15 8.76 4.29
CA GLY A 23 -0.40 10.23 4.39
C GLY A 23 -1.21 10.53 5.67
N PHE A 24 -2.07 9.63 6.07
CA PHE A 24 -2.89 9.85 7.31
C PHE A 24 -2.00 9.85 8.55
N PHE A 25 -0.91 9.11 8.54
CA PHE A 25 -0.02 9.06 9.74
C PHE A 25 1.17 10.04 9.57
N ALA A 26 1.49 10.42 8.36
CA ALA A 26 2.64 11.36 8.15
C ALA A 26 2.14 12.81 8.00
N HIS A 27 0.97 13.01 7.44
CA HIS A 27 0.44 14.39 7.25
C HIS A 27 -0.52 14.78 8.39
N LEU A 28 -1.06 13.83 9.11
CA LEU A 28 -2.00 14.16 10.22
C LEU A 28 -1.34 13.92 11.59
N LEU A 29 -0.15 14.42 11.77
CA LEU A 29 0.57 14.23 13.06
C LEU A 29 1.09 15.58 13.59
N PRO A 30 0.87 15.83 14.86
CA PRO A 30 1.35 17.10 15.47
C PRO A 30 2.87 17.08 15.63
N ARG A 31 3.58 17.76 14.76
CA ARG A 31 5.07 17.78 14.83
C ARG A 31 5.63 19.16 14.43
N ASP A 1 -16.75 -27.80 -12.24
CA ASP A 1 -16.42 -26.82 -11.15
C ASP A 1 -15.17 -26.01 -11.53
N THR A 2 -15.27 -24.71 -11.56
CA THR A 2 -14.09 -23.86 -11.91
C THR A 2 -13.87 -22.79 -10.83
N GLU A 3 -14.07 -23.14 -9.58
CA GLU A 3 -13.87 -22.15 -8.48
C GLU A 3 -13.27 -22.86 -7.25
N ILE A 4 -12.05 -22.53 -6.91
CA ILE A 4 -11.40 -23.16 -5.72
C ILE A 4 -10.90 -22.09 -4.76
N ILE A 5 -10.68 -22.44 -3.51
CA ILE A 5 -10.20 -21.44 -2.51
C ILE A 5 -8.75 -21.04 -2.81
N GLY A 6 -8.53 -19.78 -3.07
CA GLY A 6 -7.14 -19.31 -3.37
C GLY A 6 -7.16 -18.42 -4.62
N GLY A 7 -6.85 -18.98 -5.77
CA GLY A 7 -6.85 -18.19 -7.03
C GLY A 7 -5.42 -17.75 -7.40
N LEU A 8 -4.59 -17.50 -6.40
CA LEU A 8 -3.18 -17.06 -6.68
C LEU A 8 -3.16 -15.76 -7.50
N THR A 9 -4.13 -14.90 -7.28
CA THR A 9 -4.20 -13.62 -8.05
C THR A 9 -4.58 -12.47 -7.10
N ILE A 10 -3.67 -12.04 -6.26
CA ILE A 10 -3.97 -10.93 -5.31
C ILE A 10 -3.96 -9.58 -6.03
N PRO A 11 -4.95 -8.76 -5.73
CA PRO A 11 -5.06 -7.42 -6.37
C PRO A 11 -4.02 -6.45 -5.77
N PRO A 12 -3.69 -5.45 -6.56
CA PRO A 12 -2.70 -4.42 -6.11
C PRO A 12 -3.30 -3.49 -5.04
N VAL A 13 -4.59 -3.56 -4.81
CA VAL A 13 -5.24 -2.69 -3.79
C VAL A 13 -4.52 -2.80 -2.44
N VAL A 14 -4.05 -3.98 -2.08
CA VAL A 14 -3.34 -4.15 -0.77
C VAL A 14 -2.14 -3.19 -0.70
N ALA A 15 -1.45 -3.00 -1.80
CA ALA A 15 -0.28 -2.07 -1.80
C ALA A 15 -0.79 -0.62 -1.82
N LEU A 16 -1.87 -0.36 -2.53
CA LEU A 16 -2.44 1.02 -2.59
C LEU A 16 -2.85 1.47 -1.18
N VAL A 17 -3.41 0.57 -0.40
CA VAL A 17 -3.83 0.94 0.99
C VAL A 17 -2.59 1.26 1.84
N VAL A 18 -1.54 0.48 1.72
CA VAL A 18 -0.30 0.75 2.50
C VAL A 18 0.26 2.13 2.16
N MET A 19 0.18 2.52 0.91
CA MET A 19 0.69 3.87 0.49
C MET A 19 -0.20 4.98 1.09
N SER A 20 -1.51 4.81 1.01
CA SER A 20 -2.43 5.84 1.57
C SER A 20 -2.18 6.00 3.08
N ARG A 21 -1.86 4.92 3.76
CA ARG A 21 -1.58 4.99 5.22
C ARG A 21 -0.42 5.97 5.50
N PHE A 22 0.53 6.05 4.60
CA PHE A 22 1.68 6.99 4.80
C PHE A 22 1.15 8.43 4.86
N GLY A 23 0.33 8.80 3.90
CA GLY A 23 -0.25 10.18 3.89
C GLY A 23 -1.19 10.32 5.08
N PHE A 24 -1.95 9.29 5.37
CA PHE A 24 -2.90 9.34 6.54
C PHE A 24 -2.11 9.62 7.83
N PHE A 25 -1.00 8.95 8.02
CA PHE A 25 -0.17 9.17 9.24
C PHE A 25 0.23 10.65 9.33
N ALA A 26 0.72 11.21 8.25
CA ALA A 26 1.12 12.66 8.25
C ALA A 26 -0.11 13.54 8.46
N HIS A 27 -1.23 13.18 7.87
CA HIS A 27 -2.48 13.98 8.05
C HIS A 27 -2.99 13.89 9.48
N LEU A 28 -2.73 12.79 10.15
CA LEU A 28 -3.20 12.64 11.57
C LEU A 28 -2.11 13.14 12.55
N LEU A 29 -1.19 13.95 12.09
CA LEU A 29 -0.11 14.49 12.98
C LEU A 29 0.73 13.35 13.60
N PRO A 30 1.76 12.96 12.88
CA PRO A 30 2.67 11.88 13.37
C PRO A 30 3.68 12.43 14.39
N ARG A 31 3.22 13.19 15.37
CA ARG A 31 4.16 13.76 16.38
C ARG A 31 3.52 13.73 17.77
N ASP A 1 -0.06 -24.07 6.69
CA ASP A 1 1.43 -23.96 6.75
C ASP A 1 2.03 -23.86 5.34
N THR A 2 1.32 -23.29 4.39
CA THR A 2 1.86 -23.16 3.01
C THR A 2 2.54 -21.79 2.81
N GLU A 3 2.89 -21.12 3.88
CA GLU A 3 3.56 -19.79 3.75
C GLU A 3 5.08 -19.98 3.75
N ILE A 4 5.73 -19.54 2.70
CA ILE A 4 7.22 -19.70 2.62
C ILE A 4 7.90 -18.36 2.93
N ILE A 5 7.56 -17.32 2.20
CA ILE A 5 8.19 -15.99 2.46
C ILE A 5 7.16 -15.00 3.04
N GLY A 6 6.14 -15.51 3.71
CA GLY A 6 5.11 -14.62 4.31
C GLY A 6 4.35 -13.89 3.19
N GLY A 7 3.72 -14.61 2.30
CA GLY A 7 2.96 -13.96 1.18
C GLY A 7 3.79 -14.07 -0.10
N LEU A 8 3.49 -15.06 -0.91
CA LEU A 8 4.25 -15.24 -2.19
C LEU A 8 3.66 -14.36 -3.29
N THR A 9 2.37 -14.38 -3.43
CA THR A 9 1.70 -13.56 -4.49
C THR A 9 0.80 -12.49 -3.85
N ILE A 10 1.34 -11.31 -3.63
CA ILE A 10 0.52 -10.22 -3.01
C ILE A 10 -0.14 -9.37 -4.11
N PRO A 11 -1.42 -9.10 -3.94
CA PRO A 11 -2.17 -8.28 -4.92
C PRO A 11 -1.77 -6.80 -4.83
N PRO A 12 -1.90 -6.11 -5.94
CA PRO A 12 -1.56 -4.67 -5.98
C PRO A 12 -2.57 -3.82 -5.19
N VAL A 13 -3.77 -4.33 -5.01
CA VAL A 13 -4.81 -3.57 -4.24
C VAL A 13 -4.34 -3.36 -2.79
N VAL A 14 -3.80 -4.38 -2.17
CA VAL A 14 -3.31 -4.24 -0.76
C VAL A 14 -2.19 -3.18 -0.69
N ALA A 15 -1.28 -3.21 -1.64
CA ALA A 15 -0.17 -2.21 -1.64
C ALA A 15 -0.73 -0.79 -1.81
N LEU A 16 -1.74 -0.63 -2.64
CA LEU A 16 -2.34 0.72 -2.85
C LEU A 16 -2.97 1.22 -1.54
N VAL A 17 -3.66 0.36 -0.82
CA VAL A 17 -4.28 0.77 0.47
C VAL A 17 -3.19 1.21 1.46
N VAL A 18 -2.08 0.51 1.49
CA VAL A 18 -0.97 0.88 2.41
C VAL A 18 -0.41 2.26 2.02
N MET A 19 -0.37 2.55 0.74
CA MET A 19 0.14 3.88 0.28
C MET A 19 -0.81 4.99 0.73
N SER A 20 -2.10 4.75 0.65
CA SER A 20 -3.09 5.78 1.08
C SER A 20 -2.95 6.05 2.58
N ARG A 21 -2.60 5.04 3.35
CA ARG A 21 -2.43 5.24 4.83
C ARG A 21 -1.30 6.25 5.11
N PHE A 22 -0.38 6.42 4.19
CA PHE A 22 0.74 7.39 4.41
C PHE A 22 0.17 8.80 4.71
N GLY A 23 -0.94 9.16 4.08
CA GLY A 23 -1.55 10.50 4.34
C GLY A 23 -1.88 10.62 5.83
N PHE A 24 -2.33 9.55 6.44
CA PHE A 24 -2.66 9.58 7.89
C PHE A 24 -1.39 9.85 8.71
N PHE A 25 -0.33 9.14 8.40
CA PHE A 25 0.95 9.36 9.13
C PHE A 25 1.43 10.81 8.97
N ALA A 26 1.25 11.37 7.79
CA ALA A 26 1.68 12.79 7.56
C ALA A 26 0.83 13.74 8.41
N HIS A 27 -0.43 13.44 8.58
CA HIS A 27 -1.32 14.31 9.41
C HIS A 27 -0.86 14.28 10.87
N LEU A 28 -0.37 13.15 11.33
CA LEU A 28 0.12 13.04 12.74
C LEU A 28 1.57 13.53 12.86
N LEU A 29 2.39 13.19 11.89
CA LEU A 29 3.82 13.63 11.93
C LEU A 29 3.98 14.99 11.24
N PRO A 30 4.38 15.98 12.01
CA PRO A 30 4.57 17.35 11.46
C PRO A 30 5.81 17.41 10.56
N ARG A 31 5.69 16.97 9.33
CA ARG A 31 6.85 17.00 8.38
C ARG A 31 6.36 16.89 6.93
N ASP A 1 17.14 -13.08 -12.46
CA ASP A 1 15.91 -12.49 -11.83
C ASP A 1 14.65 -13.00 -12.54
N THR A 2 13.60 -13.26 -11.79
CA THR A 2 12.34 -13.75 -12.42
C THR A 2 11.17 -13.67 -11.41
N GLU A 3 9.97 -13.52 -11.88
CA GLU A 3 8.80 -13.43 -10.96
C GLU A 3 8.37 -14.84 -10.52
N ILE A 4 8.82 -15.27 -9.36
CA ILE A 4 8.44 -16.63 -8.86
C ILE A 4 7.07 -16.58 -8.19
N ILE A 5 6.81 -15.58 -7.40
CA ILE A 5 5.48 -15.46 -6.71
C ILE A 5 4.55 -14.55 -7.53
N GLY A 6 3.48 -15.10 -8.05
CA GLY A 6 2.53 -14.27 -8.85
C GLY A 6 1.90 -15.13 -9.96
N GLY A 7 0.81 -14.69 -10.53
CA GLY A 7 0.15 -15.47 -11.61
C GLY A 7 -0.33 -14.53 -12.73
N LEU A 8 -1.54 -14.04 -12.63
CA LEU A 8 -2.06 -13.12 -13.68
C LEU A 8 -2.04 -11.66 -13.18
N THR A 9 -0.97 -11.27 -12.52
CA THR A 9 -0.85 -9.87 -12.00
C THR A 9 -1.93 -9.56 -10.96
N ILE A 10 -1.56 -9.50 -9.70
CA ILE A 10 -2.56 -9.19 -8.63
C ILE A 10 -3.03 -7.74 -8.73
N PRO A 11 -4.16 -7.47 -8.14
CA PRO A 11 -4.73 -6.09 -8.18
C PRO A 11 -3.98 -5.18 -7.20
N PRO A 12 -3.85 -3.92 -7.57
CA PRO A 12 -3.14 -2.94 -6.72
C PRO A 12 -4.03 -2.52 -5.54
N VAL A 13 -4.38 -3.45 -4.70
CA VAL A 13 -5.24 -3.13 -3.51
C VAL A 13 -4.41 -3.15 -2.23
N VAL A 14 -3.42 -4.01 -2.16
CA VAL A 14 -2.56 -4.07 -0.93
C VAL A 14 -1.57 -2.90 -0.92
N ALA A 15 -0.93 -2.65 -2.05
CA ALA A 15 0.05 -1.52 -2.13
C ALA A 15 -0.64 -0.19 -1.85
N LEU A 16 -1.84 0.00 -2.36
CA LEU A 16 -2.59 1.27 -2.12
C LEU A 16 -2.92 1.44 -0.64
N VAL A 17 -3.35 0.39 0.01
CA VAL A 17 -3.69 0.49 1.48
C VAL A 17 -2.43 0.88 2.27
N VAL A 18 -1.28 0.39 1.89
CA VAL A 18 -0.02 0.74 2.61
C VAL A 18 0.31 2.22 2.39
N MET A 19 0.24 2.68 1.17
CA MET A 19 0.54 4.12 0.88
C MET A 19 -0.51 5.02 1.56
N SER A 20 -1.74 4.61 1.58
CA SER A 20 -2.82 5.42 2.23
C SER A 20 -2.56 5.53 3.73
N ARG A 21 -2.13 4.46 4.36
CA ARG A 21 -1.86 4.49 5.83
C ARG A 21 -0.80 5.55 6.14
N PHE A 22 0.29 5.56 5.40
CA PHE A 22 1.36 6.57 5.65
C PHE A 22 0.89 7.96 5.22
N GLY A 23 0.17 8.05 4.12
CA GLY A 23 -0.33 9.37 3.63
C GLY A 23 -1.31 9.95 4.67
N PHE A 24 -2.21 9.14 5.16
CA PHE A 24 -3.19 9.64 6.18
C PHE A 24 -2.47 10.01 7.47
N PHE A 25 -1.61 9.14 7.96
CA PHE A 25 -0.87 9.43 9.22
C PHE A 25 0.02 10.67 9.04
N ALA A 26 0.59 10.84 7.87
CA ALA A 26 1.47 12.03 7.64
C ALA A 26 0.63 13.31 7.61
N HIS A 27 -0.51 13.27 6.94
CA HIS A 27 -1.39 14.48 6.88
C HIS A 27 -2.59 14.32 7.82
N LEU A 28 -2.39 13.73 8.97
CA LEU A 28 -3.51 13.54 9.93
C LEU A 28 -3.74 14.83 10.76
N LEU A 29 -2.70 15.54 11.07
CA LEU A 29 -2.84 16.81 11.86
C LEU A 29 -3.69 17.83 11.09
N PRO A 30 -4.37 18.68 11.83
CA PRO A 30 -5.22 19.72 11.22
C PRO A 30 -4.36 20.83 10.60
N ARG A 31 -4.31 20.91 9.28
CA ARG A 31 -3.50 21.96 8.61
C ARG A 31 -4.16 22.41 7.31
N ASP A 1 -5.53 -13.40 4.41
CA ASP A 1 -4.27 -13.81 3.71
C ASP A 1 -4.00 -12.91 2.50
N THR A 2 -2.82 -12.96 1.96
CA THR A 2 -2.49 -12.11 0.76
C THR A 2 -2.89 -12.83 -0.54
N GLU A 3 -2.70 -12.18 -1.66
CA GLU A 3 -3.06 -12.81 -2.96
C GLU A 3 -1.89 -13.66 -3.49
N ILE A 4 -1.72 -14.85 -2.96
CA ILE A 4 -0.60 -15.73 -3.41
C ILE A 4 -0.91 -16.39 -4.76
N ILE A 5 -2.17 -16.58 -5.08
CA ILE A 5 -2.54 -17.23 -6.38
C ILE A 5 -2.52 -16.20 -7.52
N GLY A 6 -1.38 -16.00 -8.13
CA GLY A 6 -1.28 -15.01 -9.25
C GLY A 6 0.17 -14.51 -9.38
N GLY A 7 0.48 -13.86 -10.46
CA GLY A 7 1.87 -13.33 -10.66
C GLY A 7 1.82 -11.81 -10.72
N LEU A 8 1.81 -11.26 -11.91
CA LEU A 8 1.76 -9.77 -12.05
C LEU A 8 0.58 -9.37 -12.95
N THR A 9 -0.55 -10.01 -12.77
CA THR A 9 -1.76 -9.68 -13.60
C THR A 9 -2.93 -9.29 -12.70
N ILE A 10 -2.67 -8.55 -11.65
CA ILE A 10 -3.77 -8.13 -10.72
C ILE A 10 -3.53 -6.70 -10.23
N PRO A 11 -4.60 -6.07 -9.77
CA PRO A 11 -4.50 -4.68 -9.26
C PRO A 11 -3.82 -4.66 -7.88
N PRO A 12 -3.00 -3.66 -7.66
CA PRO A 12 -2.27 -3.52 -6.38
C PRO A 12 -3.21 -2.98 -5.28
N VAL A 13 -4.19 -3.76 -4.89
CA VAL A 13 -5.14 -3.31 -3.84
C VAL A 13 -4.44 -3.28 -2.46
N VAL A 14 -3.62 -4.25 -2.16
CA VAL A 14 -2.91 -4.24 -0.83
C VAL A 14 -1.84 -3.13 -0.82
N ALA A 15 -1.21 -2.89 -1.94
CA ALA A 15 -0.18 -1.81 -2.00
C ALA A 15 -0.84 -0.44 -1.82
N LEU A 16 -2.01 -0.25 -2.39
CA LEU A 16 -2.72 1.06 -2.24
C LEU A 16 -3.16 1.25 -0.78
N VAL A 17 -3.55 0.20 -0.12
CA VAL A 17 -3.99 0.31 1.32
C VAL A 17 -2.79 0.70 2.20
N VAL A 18 -1.61 0.23 1.86
CA VAL A 18 -0.40 0.57 2.67
C VAL A 18 0.04 2.01 2.35
N MET A 19 -0.08 2.43 1.11
CA MET A 19 0.33 3.81 0.73
C MET A 19 -0.62 4.85 1.35
N SER A 20 -1.92 4.62 1.30
CA SER A 20 -2.90 5.58 1.88
C SER A 20 -2.61 5.80 3.38
N ARG A 21 -2.26 4.75 4.09
CA ARG A 21 -1.95 4.89 5.55
C ARG A 21 -0.78 5.85 5.76
N PHE A 22 0.24 5.75 4.94
CA PHE A 22 1.42 6.66 5.08
C PHE A 22 0.98 8.11 4.88
N GLY A 23 0.23 8.39 3.84
CA GLY A 23 -0.25 9.78 3.59
C GLY A 23 -1.19 10.20 4.73
N PHE A 24 -2.05 9.31 5.19
CA PHE A 24 -2.98 9.65 6.29
C PHE A 24 -2.18 10.00 7.57
N PHE A 25 -1.18 9.22 7.88
CA PHE A 25 -0.36 9.50 9.10
C PHE A 25 0.36 10.86 8.97
N ALA A 26 0.76 11.22 7.78
CA ALA A 26 1.47 12.52 7.57
C ALA A 26 0.62 13.70 8.09
N HIS A 27 -0.67 13.65 7.87
CA HIS A 27 -1.55 14.77 8.35
C HIS A 27 -2.42 14.29 9.54
N LEU A 28 -2.03 13.22 10.19
CA LEU A 28 -2.84 12.71 11.34
C LEU A 28 -1.95 11.87 12.28
N LEU A 29 -0.77 12.34 12.58
CA LEU A 29 0.15 11.59 13.49
C LEU A 29 -0.11 11.99 14.95
N PRO A 30 -0.05 11.01 15.83
CA PRO A 30 -0.27 11.27 17.27
C PRO A 30 0.94 11.97 17.91
N ARG A 31 0.75 12.60 19.04
CA ARG A 31 1.89 13.30 19.71
C ARG A 31 1.60 13.48 21.20
N ASP A 1 -12.58 -12.37 -5.52
CA ASP A 1 -12.03 -13.74 -5.75
C ASP A 1 -11.59 -13.88 -7.21
N THR A 2 -10.40 -14.39 -7.44
CA THR A 2 -9.91 -14.57 -8.84
C THR A 2 -9.35 -15.98 -9.03
N GLU A 3 -9.40 -16.50 -10.23
CA GLU A 3 -8.87 -17.87 -10.49
C GLU A 3 -7.48 -17.77 -11.12
N ILE A 4 -6.53 -17.22 -10.40
CA ILE A 4 -5.14 -17.10 -10.96
C ILE A 4 -4.12 -17.01 -9.81
N ILE A 5 -2.92 -17.50 -10.04
CA ILE A 5 -1.87 -17.46 -8.98
C ILE A 5 -0.52 -17.06 -9.60
N GLY A 6 0.41 -16.63 -8.78
CA GLY A 6 1.75 -16.22 -9.30
C GLY A 6 2.75 -16.09 -8.15
N GLY A 7 4.02 -16.30 -8.42
CA GLY A 7 5.05 -16.20 -7.35
C GLY A 7 5.40 -14.72 -7.11
N LEU A 8 5.61 -13.97 -8.16
CA LEU A 8 5.94 -12.52 -8.01
C LEU A 8 4.84 -11.66 -8.64
N THR A 9 3.62 -12.11 -8.61
CA THR A 9 2.50 -11.32 -9.22
C THR A 9 1.53 -10.88 -8.11
N ILE A 10 1.98 -10.06 -7.21
CA ILE A 10 1.08 -9.59 -6.10
C ILE A 10 0.08 -8.53 -6.61
N PRO A 11 -1.03 -8.44 -5.93
CA PRO A 11 -2.08 -7.45 -6.33
C PRO A 11 -1.67 -6.03 -5.91
N PRO A 12 -2.03 -5.08 -6.73
CA PRO A 12 -1.71 -3.65 -6.44
C PRO A 12 -2.62 -3.09 -5.33
N VAL A 13 -3.75 -3.73 -5.09
CA VAL A 13 -4.69 -3.24 -4.03
C VAL A 13 -4.00 -3.21 -2.66
N VAL A 14 -3.22 -4.22 -2.34
CA VAL A 14 -2.51 -4.23 -1.01
C VAL A 14 -1.64 -2.96 -0.86
N ALA A 15 -1.03 -2.51 -1.94
CA ALA A 15 -0.20 -1.28 -1.87
C ALA A 15 -1.11 -0.06 -1.80
N LEU A 16 -2.21 -0.08 -2.52
CA LEU A 16 -3.18 1.06 -2.50
C LEU A 16 -3.71 1.28 -1.08
N VAL A 17 -3.79 0.24 -0.28
CA VAL A 17 -4.30 0.38 1.11
C VAL A 17 -3.17 0.89 2.02
N VAL A 18 -1.98 0.37 1.87
CA VAL A 18 -0.83 0.82 2.72
C VAL A 18 -0.45 2.27 2.38
N MET A 19 -0.41 2.62 1.11
CA MET A 19 -0.05 4.02 0.73
C MET A 19 -1.09 5.01 1.29
N SER A 20 -2.33 4.58 1.45
CA SER A 20 -3.37 5.48 2.03
C SER A 20 -3.05 5.73 3.51
N ARG A 21 -2.66 4.69 4.22
CA ARG A 21 -2.31 4.85 5.67
C ARG A 21 -1.09 5.77 5.80
N PHE A 22 -0.15 5.66 4.90
CA PHE A 22 1.07 6.52 4.96
C PHE A 22 0.66 8.00 4.84
N GLY A 23 -0.24 8.32 3.94
CA GLY A 23 -0.69 9.73 3.78
C GLY A 23 -1.36 10.20 5.08
N PHE A 24 -2.11 9.34 5.71
CA PHE A 24 -2.79 9.72 6.99
C PHE A 24 -1.73 9.99 8.07
N PHE A 25 -0.72 9.16 8.16
CA PHE A 25 0.36 9.39 9.18
C PHE A 25 1.01 10.76 8.98
N ALA A 26 1.27 11.13 7.74
CA ALA A 26 1.90 12.45 7.46
C ALA A 26 0.89 13.58 7.74
N HIS A 27 -0.37 13.36 7.42
CA HIS A 27 -1.40 14.42 7.66
C HIS A 27 -1.71 14.55 9.16
N LEU A 28 -1.54 13.49 9.91
CA LEU A 28 -1.83 13.54 11.38
C LEU A 28 -0.51 13.66 12.17
N LEU A 29 0.36 14.55 11.77
CA LEU A 29 1.66 14.71 12.49
C LEU A 29 1.54 15.84 13.54
N PRO A 30 1.74 15.49 14.79
CA PRO A 30 1.66 16.48 15.89
C PRO A 30 2.93 17.35 15.92
N ARG A 31 3.18 18.10 14.87
CA ARG A 31 4.39 18.97 14.82
C ARG A 31 4.22 20.07 13.77
N ASP A 1 -1.92 -14.03 9.07
CA ASP A 1 -3.29 -14.40 8.61
C ASP A 1 -3.45 -14.11 7.12
N THR A 2 -4.37 -14.80 6.46
CA THR A 2 -4.61 -14.57 4.99
C THR A 2 -3.35 -14.90 4.17
N GLU A 3 -3.44 -14.88 2.87
CA GLU A 3 -2.25 -15.19 2.02
C GLU A 3 -1.38 -13.93 1.89
N ILE A 4 -0.45 -13.75 2.79
CA ILE A 4 0.43 -12.54 2.73
C ILE A 4 1.91 -12.94 2.50
N ILE A 5 2.34 -14.07 3.01
CA ILE A 5 3.75 -14.50 2.80
C ILE A 5 3.83 -15.57 1.71
N GLY A 6 4.46 -15.25 0.61
CA GLY A 6 4.58 -16.24 -0.51
C GLY A 6 4.15 -15.58 -1.82
N GLY A 7 4.88 -14.58 -2.27
CA GLY A 7 4.52 -13.90 -3.55
C GLY A 7 5.74 -13.18 -4.10
N LEU A 8 5.88 -11.91 -3.83
CA LEU A 8 7.06 -11.14 -4.33
C LEU A 8 7.29 -9.89 -3.47
N THR A 9 6.55 -8.83 -3.74
CA THR A 9 6.72 -7.57 -2.95
C THR A 9 5.35 -6.89 -2.75
N ILE A 10 4.40 -7.63 -2.23
CA ILE A 10 3.01 -7.08 -1.99
C ILE A 10 2.31 -6.77 -3.33
N PRO A 11 1.03 -7.08 -3.38
CA PRO A 11 0.25 -6.82 -4.60
C PRO A 11 -0.17 -5.34 -4.68
N PRO A 12 -0.64 -4.95 -5.85
CA PRO A 12 -1.08 -3.54 -6.06
C PRO A 12 -2.32 -3.22 -5.21
N VAL A 13 -3.17 -4.20 -4.97
CA VAL A 13 -4.39 -3.94 -4.15
C VAL A 13 -3.97 -3.61 -2.71
N VAL A 14 -3.13 -4.42 -2.12
CA VAL A 14 -2.66 -4.13 -0.73
C VAL A 14 -1.81 -2.86 -0.72
N ALA A 15 -0.95 -2.71 -1.69
CA ALA A 15 -0.09 -1.48 -1.76
C ALA A 15 -0.97 -0.23 -1.88
N LEU A 16 -2.05 -0.31 -2.63
CA LEU A 16 -2.95 0.87 -2.78
C LEU A 16 -3.61 1.21 -1.44
N VAL A 17 -4.03 0.20 -0.70
CA VAL A 17 -4.67 0.46 0.63
C VAL A 17 -3.63 1.05 1.60
N VAL A 18 -2.42 0.55 1.58
CA VAL A 18 -1.36 1.08 2.49
C VAL A 18 -1.03 2.54 2.12
N MET A 19 -1.18 2.90 0.86
CA MET A 19 -0.88 4.31 0.44
C MET A 19 -1.75 5.29 1.24
N SER A 20 -3.01 4.97 1.43
CA SER A 20 -3.91 5.86 2.22
C SER A 20 -3.39 5.97 3.67
N ARG A 21 -2.96 4.87 4.24
CA ARG A 21 -2.42 4.90 5.62
C ARG A 21 -1.18 5.79 5.70
N PHE A 22 -0.33 5.72 4.69
CA PHE A 22 0.91 6.57 4.68
C PHE A 22 0.52 8.06 4.67
N GLY A 23 -0.43 8.44 3.86
CA GLY A 23 -0.87 9.87 3.80
C GLY A 23 -1.35 10.29 5.20
N PHE A 24 -2.08 9.42 5.87
CA PHE A 24 -2.58 9.75 7.24
C PHE A 24 -1.38 9.93 8.19
N PHE A 25 -0.40 9.08 8.10
CA PHE A 25 0.80 9.20 8.99
C PHE A 25 1.45 10.58 8.80
N ALA A 26 1.54 11.05 7.58
CA ALA A 26 2.15 12.39 7.33
C ALA A 26 1.23 13.49 7.88
N HIS A 27 -0.07 13.31 7.77
CA HIS A 27 -1.03 14.34 8.30
C HIS A 27 -1.11 14.28 9.83
N LEU A 28 -0.78 13.15 10.41
CA LEU A 28 -0.84 13.03 11.91
C LEU A 28 0.52 13.38 12.51
N LEU A 29 1.07 14.52 12.17
CA LEU A 29 2.39 14.93 12.72
C LEU A 29 2.32 15.10 14.24
N PRO A 30 3.36 14.67 14.92
CA PRO A 30 3.42 14.80 16.40
C PRO A 30 3.66 16.25 16.81
N ARG A 31 3.35 16.59 18.03
CA ARG A 31 3.56 18.00 18.51
C ARG A 31 3.81 18.02 20.03
N ASP A 1 2.38 -18.17 -15.70
CA ASP A 1 1.58 -17.92 -14.47
C ASP A 1 2.33 -18.41 -13.22
N THR A 2 2.22 -17.71 -12.13
CA THR A 2 2.93 -18.12 -10.87
C THR A 2 2.17 -17.61 -9.63
N GLU A 3 2.00 -18.45 -8.66
CA GLU A 3 1.27 -18.04 -7.42
C GLU A 3 1.98 -18.60 -6.18
N ILE A 4 2.67 -17.75 -5.46
CA ILE A 4 3.40 -18.22 -4.23
C ILE A 4 2.38 -18.63 -3.15
N ILE A 5 1.34 -17.84 -2.96
CA ILE A 5 0.29 -18.15 -1.94
C ILE A 5 0.87 -18.12 -0.51
N GLY A 6 0.39 -17.21 0.31
CA GLY A 6 0.90 -17.13 1.72
C GLY A 6 -0.15 -17.72 2.66
N GLY A 7 -1.18 -16.98 2.96
CA GLY A 7 -2.25 -17.50 3.86
C GLY A 7 -3.35 -18.14 3.01
N LEU A 8 -3.83 -17.42 2.02
CA LEU A 8 -4.89 -17.97 1.13
C LEU A 8 -4.96 -17.15 -0.15
N THR A 9 -5.25 -15.88 -0.03
CA THR A 9 -5.34 -14.98 -1.22
C THR A 9 -5.04 -13.54 -0.81
N ILE A 10 -4.36 -12.79 -1.64
CA ILE A 10 -4.04 -11.38 -1.30
C ILE A 10 -4.13 -10.50 -2.57
N PRO A 11 -4.99 -9.51 -2.49
CA PRO A 11 -5.19 -8.59 -3.64
C PRO A 11 -4.11 -7.49 -3.64
N PRO A 12 -3.91 -6.91 -4.81
CA PRO A 12 -2.89 -5.82 -4.95
C PRO A 12 -3.41 -4.51 -4.32
N VAL A 13 -4.69 -4.41 -4.08
CA VAL A 13 -5.25 -3.16 -3.45
C VAL A 13 -4.58 -2.87 -2.11
N VAL A 14 -4.21 -3.91 -1.37
CA VAL A 14 -3.54 -3.67 -0.03
C VAL A 14 -2.28 -2.81 -0.22
N ALA A 15 -1.55 -3.02 -1.29
CA ALA A 15 -0.33 -2.20 -1.54
C ALA A 15 -0.72 -0.76 -1.91
N LEU A 16 -1.77 -0.61 -2.69
CA LEU A 16 -2.23 0.75 -3.08
C LEU A 16 -2.68 1.53 -1.82
N VAL A 17 -3.29 0.86 -0.88
CA VAL A 17 -3.74 1.56 0.38
C VAL A 17 -2.50 1.94 1.21
N VAL A 18 -1.50 1.09 1.25
CA VAL A 18 -0.26 1.43 2.04
C VAL A 18 0.39 2.69 1.47
N MET A 19 0.41 2.84 0.17
CA MET A 19 1.02 4.06 -0.45
C MET A 19 0.21 5.30 -0.03
N SER A 20 -1.10 5.20 0.01
CA SER A 20 -1.94 6.36 0.42
C SER A 20 -1.93 6.52 1.95
N ARG A 21 -1.73 5.43 2.66
CA ARG A 21 -1.71 5.49 4.16
C ARG A 21 -0.64 6.46 4.66
N PHE A 22 0.44 6.62 3.92
CA PHE A 22 1.52 7.57 4.36
C PHE A 22 0.94 8.94 4.70
N GLY A 23 0.12 9.49 3.83
CA GLY A 23 -0.49 10.83 4.12
C GLY A 23 -1.42 10.72 5.33
N PHE A 24 -2.21 9.68 5.39
CA PHE A 24 -3.13 9.49 6.56
C PHE A 24 -2.31 9.38 7.85
N PHE A 25 -1.21 8.65 7.81
CA PHE A 25 -0.35 8.51 9.02
C PHE A 25 0.21 9.86 9.44
N ALA A 26 0.57 10.70 8.48
CA ALA A 26 1.12 12.05 8.83
C ALA A 26 0.07 12.86 9.61
N HIS A 27 -1.19 12.69 9.29
CA HIS A 27 -2.27 13.43 10.01
C HIS A 27 -2.65 12.69 11.31
N LEU A 28 -2.51 11.39 11.33
CA LEU A 28 -2.85 10.61 12.55
C LEU A 28 -1.60 10.40 13.42
N LEU A 29 -0.89 11.46 13.71
CA LEU A 29 0.34 11.35 14.56
C LEU A 29 -0.03 11.26 16.05
N PRO A 30 0.78 10.55 16.79
CA PRO A 30 0.55 10.37 18.25
C PRO A 30 0.91 11.65 19.01
N ARG A 31 0.90 11.59 20.32
CA ARG A 31 1.26 12.80 21.14
C ARG A 31 2.74 13.14 20.96
N ASP A 1 10.87 -17.33 -2.30
CA ASP A 1 10.20 -17.33 -3.64
C ASP A 1 11.18 -17.77 -4.73
N THR A 2 10.77 -18.69 -5.57
CA THR A 2 11.67 -19.18 -6.67
C THR A 2 11.09 -18.78 -8.03
N GLU A 3 11.87 -18.91 -9.08
CA GLU A 3 11.39 -18.53 -10.45
C GLU A 3 10.78 -17.12 -10.44
N ILE A 4 11.61 -16.11 -10.29
CA ILE A 4 11.08 -14.71 -10.26
C ILE A 4 10.30 -14.38 -11.55
N ILE A 5 10.79 -14.83 -12.69
CA ILE A 5 10.10 -14.55 -13.99
C ILE A 5 9.69 -13.07 -14.07
N GLY A 6 10.66 -12.18 -14.01
CA GLY A 6 10.35 -10.73 -14.07
C GLY A 6 10.52 -10.10 -12.67
N GLY A 7 9.66 -10.47 -11.74
CA GLY A 7 9.77 -9.91 -10.36
C GLY A 7 8.62 -8.92 -10.12
N LEU A 8 7.42 -9.41 -9.95
CA LEU A 8 6.26 -8.50 -9.70
C LEU A 8 5.11 -9.25 -9.02
N THR A 9 5.40 -10.04 -8.01
CA THR A 9 4.33 -10.80 -7.30
C THR A 9 3.81 -9.98 -6.10
N ILE A 10 3.04 -8.95 -6.37
CA ILE A 10 2.51 -8.11 -5.27
C ILE A 10 1.06 -7.71 -5.55
N PRO A 11 0.25 -7.68 -4.51
CA PRO A 11 -1.18 -7.30 -4.65
C PRO A 11 -1.31 -5.78 -4.87
N PRO A 12 -2.06 -5.43 -5.90
CA PRO A 12 -2.27 -4.00 -6.23
C PRO A 12 -3.22 -3.32 -5.22
N VAL A 13 -4.29 -3.97 -4.85
CA VAL A 13 -5.25 -3.38 -3.87
C VAL A 13 -4.55 -3.16 -2.51
N VAL A 14 -3.83 -4.13 -2.04
CA VAL A 14 -3.11 -3.99 -0.74
C VAL A 14 -2.08 -2.85 -0.83
N ALA A 15 -1.36 -2.77 -1.94
CA ALA A 15 -0.34 -1.68 -2.09
C ALA A 15 -1.03 -0.31 -2.08
N LEU A 16 -2.16 -0.19 -2.73
CA LEU A 16 -2.89 1.12 -2.76
C LEU A 16 -3.31 1.52 -1.34
N VAL A 17 -3.57 0.56 -0.49
CA VAL A 17 -3.99 0.87 0.91
C VAL A 17 -2.74 1.21 1.76
N VAL A 18 -1.64 0.53 1.52
CA VAL A 18 -0.40 0.80 2.31
C VAL A 18 0.06 2.26 2.10
N MET A 19 0.13 2.71 0.86
CA MET A 19 0.55 4.12 0.61
C MET A 19 -0.45 5.10 1.22
N SER A 20 -1.72 4.76 1.23
CA SER A 20 -2.74 5.66 1.83
C SER A 20 -2.53 5.76 3.34
N ARG A 21 -2.19 4.67 3.98
CA ARG A 21 -1.94 4.69 5.45
C ARG A 21 -0.79 5.65 5.76
N PHE A 22 0.22 5.68 4.92
CA PHE A 22 1.37 6.61 5.15
C PHE A 22 0.89 8.06 5.03
N GLY A 23 0.09 8.34 4.03
CA GLY A 23 -0.43 9.74 3.86
C GLY A 23 -1.29 10.11 5.07
N PHE A 24 -2.05 9.16 5.58
CA PHE A 24 -2.90 9.42 6.78
C PHE A 24 -2.02 9.83 7.97
N PHE A 25 -0.92 9.14 8.17
CA PHE A 25 -0.01 9.49 9.30
C PHE A 25 0.56 10.91 9.11
N ALA A 26 0.88 11.26 7.88
CA ALA A 26 1.43 12.64 7.62
C ALA A 26 0.38 13.70 7.98
N HIS A 27 -0.88 13.39 7.78
CA HIS A 27 -1.97 14.37 8.12
C HIS A 27 -2.25 14.35 9.63
N LEU A 28 -2.17 13.19 10.24
CA LEU A 28 -2.44 13.09 11.71
C LEU A 28 -1.46 13.97 12.51
N LEU A 29 -0.24 14.10 12.06
CA LEU A 29 0.76 14.94 12.79
C LEU A 29 0.36 16.43 12.66
N PRO A 30 0.01 17.02 13.78
CA PRO A 30 -0.40 18.45 13.80
C PRO A 30 0.81 19.36 13.57
N ARG A 31 0.58 20.59 13.16
CA ARG A 31 1.70 21.53 12.92
C ARG A 31 1.32 22.94 13.40
N ASP A 1 22.19 -12.24 -19.01
CA ASP A 1 21.69 -12.73 -17.69
C ASP A 1 20.27 -13.29 -17.84
N THR A 2 19.65 -13.66 -16.74
CA THR A 2 18.26 -14.21 -16.82
C THR A 2 17.24 -13.13 -16.45
N GLU A 3 16.54 -12.61 -17.42
CA GLU A 3 15.53 -11.54 -17.12
C GLU A 3 14.21 -12.18 -16.65
N ILE A 4 14.05 -12.34 -15.36
CA ILE A 4 12.79 -12.96 -14.83
C ILE A 4 11.83 -11.86 -14.34
N ILE A 5 11.09 -11.27 -15.24
CA ILE A 5 10.13 -10.19 -14.84
C ILE A 5 8.69 -10.57 -15.22
N GLY A 6 8.44 -11.84 -15.45
CA GLY A 6 7.06 -12.28 -15.82
C GLY A 6 6.23 -12.51 -14.56
N GLY A 7 5.91 -11.47 -13.84
CA GLY A 7 5.11 -11.61 -12.59
C GLY A 7 4.37 -10.30 -12.29
N LEU A 8 3.37 -10.00 -13.08
CA LEU A 8 2.62 -8.72 -12.85
C LEU A 8 1.25 -9.01 -12.21
N THR A 9 1.04 -10.18 -11.68
CA THR A 9 -0.27 -10.51 -11.04
C THR A 9 -0.17 -10.24 -9.54
N ILE A 10 -0.01 -8.99 -9.15
CA ILE A 10 0.09 -8.64 -7.71
C ILE A 10 -1.16 -7.87 -7.26
N PRO A 11 -1.40 -7.86 -5.97
CA PRO A 11 -2.59 -7.16 -5.41
C PRO A 11 -2.38 -5.63 -5.44
N PRO A 12 -3.16 -4.97 -6.25
CA PRO A 12 -3.07 -3.49 -6.36
C PRO A 12 -3.65 -2.80 -5.11
N VAL A 13 -4.75 -3.32 -4.59
CA VAL A 13 -5.37 -2.70 -3.37
C VAL A 13 -4.44 -2.82 -2.16
N VAL A 14 -3.70 -3.91 -2.04
CA VAL A 14 -2.78 -4.07 -0.88
C VAL A 14 -1.72 -2.96 -0.89
N ALA A 15 -1.09 -2.74 -2.02
CA ALA A 15 -0.07 -1.66 -2.12
C ALA A 15 -0.74 -0.29 -1.94
N LEU A 16 -1.96 -0.15 -2.41
CA LEU A 16 -2.69 1.15 -2.27
C LEU A 16 -2.97 1.44 -0.78
N VAL A 17 -3.33 0.44 -0.02
CA VAL A 17 -3.61 0.65 1.43
C VAL A 17 -2.31 1.02 2.17
N VAL A 18 -1.20 0.47 1.77
CA VAL A 18 0.10 0.79 2.45
C VAL A 18 0.45 2.27 2.22
N MET A 19 0.43 2.73 0.99
CA MET A 19 0.76 4.16 0.70
C MET A 19 -0.35 5.08 1.21
N SER A 20 -1.60 4.64 1.18
CA SER A 20 -2.72 5.50 1.68
C SER A 20 -2.54 5.74 3.18
N ARG A 21 -2.21 4.72 3.93
CA ARG A 21 -2.01 4.90 5.41
C ARG A 21 -0.84 5.85 5.66
N PHE A 22 0.19 5.78 4.85
CA PHE A 22 1.37 6.67 5.04
C PHE A 22 0.92 8.14 4.93
N GLY A 23 0.13 8.46 3.92
CA GLY A 23 -0.36 9.85 3.76
C GLY A 23 -1.37 10.15 4.88
N PHE A 24 -2.23 9.21 5.19
CA PHE A 24 -3.22 9.43 6.28
C PHE A 24 -2.51 9.71 7.61
N PHE A 25 -1.53 8.91 7.94
CA PHE A 25 -0.78 9.13 9.22
C PHE A 25 0.03 10.43 9.14
N ALA A 26 0.64 10.70 8.00
CA ALA A 26 1.45 11.96 7.86
C ALA A 26 0.54 13.18 8.01
N HIS A 27 -0.65 13.14 7.45
CA HIS A 27 -1.58 14.31 7.56
C HIS A 27 -2.45 14.20 8.83
N LEU A 28 -2.24 13.18 9.64
CA LEU A 28 -3.06 13.06 10.89
C LEU A 28 -2.55 14.02 11.97
N LEU A 29 -1.29 13.91 12.33
CA LEU A 29 -0.69 14.81 13.38
C LEU A 29 -1.38 14.61 14.75
N PRO A 30 -0.70 15.02 15.79
CA PRO A 30 -1.24 14.88 17.16
C PRO A 30 -2.33 15.92 17.42
N ARG A 31 -3.54 15.65 16.97
CA ARG A 31 -4.66 16.62 17.19
C ARG A 31 -6.01 15.89 17.18
N ASP A 1 -4.69 -21.61 7.51
CA ASP A 1 -5.78 -22.51 7.98
C ASP A 1 -6.60 -23.05 6.79
N THR A 2 -7.72 -23.68 7.05
CA THR A 2 -8.55 -24.22 5.93
C THR A 2 -9.43 -23.10 5.33
N GLU A 3 -10.09 -23.39 4.24
CA GLU A 3 -10.99 -22.36 3.59
C GLU A 3 -10.20 -21.06 3.31
N ILE A 4 -9.24 -21.12 2.42
CA ILE A 4 -8.44 -19.90 2.10
C ILE A 4 -9.06 -19.16 0.91
N ILE A 5 -9.51 -19.89 -0.09
CA ILE A 5 -10.15 -19.28 -1.30
C ILE A 5 -9.56 -17.89 -1.63
N GLY A 6 -8.35 -17.86 -2.13
CA GLY A 6 -7.71 -16.55 -2.47
C GLY A 6 -7.24 -16.57 -3.93
N GLY A 7 -7.64 -15.59 -4.70
CA GLY A 7 -7.22 -15.54 -6.13
C GLY A 7 -8.39 -15.06 -6.99
N LEU A 8 -8.79 -13.81 -6.84
CA LEU A 8 -9.93 -13.27 -7.65
C LEU A 8 -9.96 -11.74 -7.55
N THR A 9 -8.82 -11.11 -7.64
CA THR A 9 -8.77 -9.61 -7.55
C THR A 9 -7.46 -9.08 -8.17
N ILE A 10 -6.95 -7.99 -7.66
CA ILE A 10 -5.68 -7.43 -8.21
C ILE A 10 -4.70 -7.12 -7.07
N PRO A 11 -3.42 -7.25 -7.37
CA PRO A 11 -2.35 -7.00 -6.36
C PRO A 11 -2.17 -5.51 -5.96
N PRO A 12 -2.49 -4.56 -6.83
CA PRO A 12 -2.28 -3.12 -6.47
C PRO A 12 -3.18 -2.66 -5.31
N VAL A 13 -4.31 -3.30 -5.07
CA VAL A 13 -5.20 -2.86 -3.94
C VAL A 13 -4.45 -2.95 -2.60
N VAL A 14 -3.64 -3.97 -2.42
CA VAL A 14 -2.87 -4.09 -1.14
C VAL A 14 -1.83 -2.97 -1.04
N ALA A 15 -1.14 -2.70 -2.12
CA ALA A 15 -0.11 -1.61 -2.11
C ALA A 15 -0.80 -0.25 -1.85
N LEU A 16 -2.00 -0.06 -2.35
CA LEU A 16 -2.72 1.23 -2.13
C LEU A 16 -3.10 1.37 -0.65
N VAL A 17 -3.54 0.30 -0.02
CA VAL A 17 -3.92 0.38 1.42
C VAL A 17 -2.68 0.74 2.26
N VAL A 18 -1.53 0.24 1.89
CA VAL A 18 -0.28 0.57 2.65
C VAL A 18 0.10 2.03 2.40
N MET A 19 -0.06 2.49 1.18
CA MET A 19 0.28 3.91 0.85
C MET A 19 -0.73 4.87 1.49
N SER A 20 -2.00 4.54 1.45
CA SER A 20 -3.03 5.43 2.07
C SER A 20 -2.78 5.57 3.57
N ARG A 21 -2.35 4.51 4.21
CA ARG A 21 -2.06 4.58 5.68
C ARG A 21 -0.91 5.57 5.94
N PHE A 22 0.11 5.53 5.12
CA PHE A 22 1.25 6.48 5.30
C PHE A 22 0.79 7.92 5.05
N GLY A 23 -0.05 8.12 4.07
CA GLY A 23 -0.56 9.50 3.77
C GLY A 23 -1.36 10.02 4.98
N PHE A 24 -2.18 9.18 5.57
CA PHE A 24 -2.98 9.61 6.75
C PHE A 24 -2.04 9.98 7.91
N PHE A 25 -0.97 9.24 8.08
CA PHE A 25 0.00 9.56 9.19
C PHE A 25 0.66 10.92 8.93
N ALA A 26 0.96 11.22 7.69
CA ALA A 26 1.61 12.53 7.37
C ALA A 26 0.57 13.67 7.38
N HIS A 27 -0.69 13.35 7.21
CA HIS A 27 -1.74 14.42 7.21
C HIS A 27 -2.37 14.56 8.61
N LEU A 28 -2.47 13.48 9.35
CA LEU A 28 -3.08 13.57 10.72
C LEU A 28 -2.00 13.86 11.78
N LEU A 29 -0.97 14.57 11.41
CA LEU A 29 0.11 14.90 12.40
C LEU A 29 0.46 16.38 12.32
N PRO A 30 0.39 17.04 13.45
CA PRO A 30 0.71 18.50 13.51
C PRO A 30 2.23 18.72 13.43
N ARG A 31 2.80 18.57 12.25
CA ARG A 31 4.27 18.76 12.07
C ARG A 31 5.07 17.78 12.95
N ASP A 1 7.55 -6.21 3.91
CA ASP A 1 6.07 -6.05 3.91
C ASP A 1 5.42 -7.03 2.93
N THR A 2 4.27 -7.56 3.29
CA THR A 2 3.53 -8.54 2.40
C THR A 2 4.51 -9.45 1.64
N GLU A 3 5.26 -10.26 2.35
CA GLU A 3 6.23 -11.18 1.66
C GLU A 3 5.51 -12.39 1.08
N ILE A 4 5.29 -13.42 1.88
CA ILE A 4 4.59 -14.63 1.37
C ILE A 4 3.36 -14.94 2.25
N ILE A 5 2.61 -13.95 2.61
CA ILE A 5 1.41 -14.19 3.46
C ILE A 5 0.34 -14.93 2.64
N GLY A 6 -0.01 -16.12 3.05
CA GLY A 6 -1.02 -16.91 2.28
C GLY A 6 -0.33 -17.60 1.10
N GLY A 7 0.09 -16.84 0.13
CA GLY A 7 0.77 -17.45 -1.06
C GLY A 7 0.11 -16.95 -2.34
N LEU A 8 -1.15 -17.27 -2.53
CA LEU A 8 -1.88 -16.82 -3.76
C LEU A 8 -3.07 -15.94 -3.37
N THR A 9 -2.95 -15.18 -2.30
CA THR A 9 -4.06 -14.29 -1.86
C THR A 9 -3.53 -12.88 -1.59
N ILE A 10 -2.95 -12.25 -2.59
CA ILE A 10 -2.40 -10.88 -2.39
C ILE A 10 -2.89 -9.96 -3.53
N PRO A 11 -3.91 -9.19 -3.23
CA PRO A 11 -4.48 -8.26 -4.23
C PRO A 11 -3.65 -6.97 -4.30
N PRO A 12 -3.76 -6.28 -5.43
CA PRO A 12 -3.01 -5.00 -5.61
C PRO A 12 -3.60 -3.88 -4.74
N VAL A 13 -4.83 -4.02 -4.31
CA VAL A 13 -5.47 -2.95 -3.46
C VAL A 13 -4.67 -2.74 -2.16
N VAL A 14 -4.08 -3.79 -1.60
CA VAL A 14 -3.30 -3.61 -0.34
C VAL A 14 -2.08 -2.71 -0.58
N ALA A 15 -1.47 -2.79 -1.74
CA ALA A 15 -0.29 -1.92 -2.04
C ALA A 15 -0.73 -0.45 -2.02
N LEU A 16 -1.89 -0.17 -2.57
CA LEU A 16 -2.41 1.24 -2.59
C LEU A 16 -2.73 1.68 -1.17
N VAL A 17 -3.32 0.81 -0.37
CA VAL A 17 -3.66 1.17 1.04
C VAL A 17 -2.38 1.52 1.82
N VAL A 18 -1.32 0.76 1.61
CA VAL A 18 -0.04 1.05 2.32
C VAL A 18 0.49 2.43 1.89
N MET A 19 0.41 2.73 0.61
CA MET A 19 0.89 4.07 0.12
C MET A 19 -0.02 5.17 0.67
N SER A 20 -1.32 4.98 0.58
CA SER A 20 -2.27 6.00 1.10
C SER A 20 -2.08 6.18 2.61
N ARG A 21 -1.91 5.09 3.33
CA ARG A 21 -1.70 5.18 4.81
C ARG A 21 -0.45 6.01 5.12
N PHE A 22 0.55 5.95 4.27
CA PHE A 22 1.80 6.75 4.50
C PHE A 22 1.46 8.25 4.56
N GLY A 23 0.59 8.70 3.68
CA GLY A 23 0.19 10.14 3.70
C GLY A 23 -0.93 10.35 4.71
N PHE A 24 -1.78 9.37 4.90
CA PHE A 24 -2.89 9.50 5.89
C PHE A 24 -2.34 9.65 7.31
N PHE A 25 -1.42 8.80 7.69
CA PHE A 25 -0.83 8.88 9.07
C PHE A 25 -0.20 10.26 9.31
N ALA A 26 0.31 10.90 8.28
CA ALA A 26 0.93 12.25 8.45
C ALA A 26 -0.04 13.21 9.16
N HIS A 27 -1.32 13.10 8.88
CA HIS A 27 -2.32 14.01 9.55
C HIS A 27 -3.31 13.18 10.40
N LEU A 28 -2.93 11.99 10.78
CA LEU A 28 -3.84 11.14 11.61
C LEU A 28 -3.33 11.05 13.06
N LEU A 29 -2.04 10.91 13.24
CA LEU A 29 -1.47 10.82 14.63
C LEU A 29 -1.28 12.22 15.22
N PRO A 30 -1.89 12.45 16.37
CA PRO A 30 -1.78 13.76 17.05
C PRO A 30 -0.40 13.92 17.70
N ARG A 31 0.60 14.27 16.92
CA ARG A 31 1.99 14.43 17.46
C ARG A 31 2.47 13.13 18.15
N ASP A 1 9.85 -3.43 -17.42
CA ASP A 1 10.41 -2.15 -16.89
C ASP A 1 10.98 -2.36 -15.49
N THR A 2 11.81 -1.45 -15.03
CA THR A 2 12.40 -1.59 -13.66
C THR A 2 11.37 -1.19 -12.60
N GLU A 3 11.27 -1.96 -11.54
CA GLU A 3 10.28 -1.64 -10.47
C GLU A 3 10.99 -1.55 -9.11
N ILE A 4 11.24 -0.35 -8.65
CA ILE A 4 11.93 -0.18 -7.32
C ILE A 4 10.91 -0.34 -6.18
N ILE A 5 9.65 -0.05 -6.42
CA ILE A 5 8.62 -0.20 -5.34
C ILE A 5 7.77 -1.45 -5.60
N GLY A 6 8.41 -2.60 -5.73
CA GLY A 6 7.65 -3.85 -6.00
C GLY A 6 7.55 -4.68 -4.72
N GLY A 7 8.67 -5.12 -4.19
CA GLY A 7 8.64 -5.92 -2.93
C GLY A 7 8.65 -7.42 -3.26
N LEU A 8 7.90 -7.81 -4.28
CA LEU A 8 7.83 -9.27 -4.67
C LEU A 8 7.15 -10.11 -3.56
N THR A 9 6.47 -9.47 -2.64
CA THR A 9 5.78 -10.22 -1.54
C THR A 9 4.50 -9.47 -1.11
N ILE A 10 3.93 -8.68 -1.99
CA ILE A 10 2.68 -7.92 -1.64
C ILE A 10 1.79 -7.78 -2.87
N PRO A 11 0.49 -7.94 -2.67
CA PRO A 11 -0.47 -7.83 -3.79
C PRO A 11 -0.61 -6.36 -4.24
N PRO A 12 -1.26 -6.18 -5.37
CA PRO A 12 -1.46 -4.80 -5.92
C PRO A 12 -2.47 -4.01 -5.07
N VAL A 13 -3.42 -4.69 -4.46
CA VAL A 13 -4.44 -3.97 -3.62
C VAL A 13 -3.80 -3.43 -2.33
N VAL A 14 -2.83 -4.12 -1.77
CA VAL A 14 -2.19 -3.63 -0.51
C VAL A 14 -1.40 -2.33 -0.80
N ALA A 15 -0.86 -2.19 -1.98
CA ALA A 15 -0.11 -0.94 -2.32
C ALA A 15 -1.03 0.28 -2.19
N LEU A 16 -2.26 0.14 -2.64
CA LEU A 16 -3.24 1.26 -2.53
C LEU A 16 -3.71 1.41 -1.09
N VAL A 17 -3.89 0.30 -0.40
CA VAL A 17 -4.35 0.37 1.03
C VAL A 17 -3.26 1.02 1.91
N VAL A 18 -2.00 0.77 1.61
CA VAL A 18 -0.90 1.38 2.41
C VAL A 18 -0.69 2.85 1.99
N MET A 19 -0.85 3.14 0.72
CA MET A 19 -0.67 4.54 0.24
C MET A 19 -1.64 5.50 0.94
N SER A 20 -2.90 5.12 1.04
CA SER A 20 -3.90 6.00 1.71
C SER A 20 -3.49 6.24 3.18
N ARG A 21 -3.08 5.19 3.85
CA ARG A 21 -2.65 5.34 5.27
C ARG A 21 -1.32 6.11 5.34
N PHE A 22 -0.45 5.89 4.38
CA PHE A 22 0.87 6.61 4.38
C PHE A 22 0.63 8.13 4.46
N GLY A 23 -0.28 8.64 3.68
CA GLY A 23 -0.57 10.11 3.71
C GLY A 23 -1.30 10.45 5.01
N PHE A 24 -2.24 9.64 5.41
CA PHE A 24 -2.99 9.92 6.68
C PHE A 24 -2.05 9.88 7.88
N PHE A 25 -1.22 8.87 7.97
CA PHE A 25 -0.25 8.77 9.11
C PHE A 25 0.78 9.89 9.05
N ALA A 26 1.16 10.31 7.86
CA ALA A 26 2.17 11.41 7.73
C ALA A 26 1.63 12.70 8.37
N HIS A 27 0.37 12.98 8.21
CA HIS A 27 -0.22 14.21 8.82
C HIS A 27 -0.61 13.95 10.27
N LEU A 28 -1.20 12.81 10.54
CA LEU A 28 -1.61 12.49 11.96
C LEU A 28 -0.37 12.40 12.86
N LEU A 29 0.71 11.84 12.36
CA LEU A 29 1.95 11.73 13.19
C LEU A 29 3.07 12.58 12.57
N PRO A 30 3.09 13.83 12.96
CA PRO A 30 4.13 14.78 12.45
C PRO A 30 5.51 14.46 13.06
N ARG A 31 6.34 13.79 12.30
CA ARG A 31 7.71 13.43 12.82
C ARG A 31 8.79 13.99 11.89
N ASP A 1 3.20 7.40 -12.83
CA ASP A 1 2.03 6.65 -13.37
C ASP A 1 2.50 5.42 -14.16
N THR A 2 1.83 4.31 -14.00
CA THR A 2 2.23 3.06 -14.74
C THR A 2 1.03 2.53 -15.55
N GLU A 3 1.30 1.76 -16.57
CA GLU A 3 0.20 1.20 -17.40
C GLU A 3 -0.28 -0.14 -16.82
N ILE A 4 -1.24 -0.09 -15.92
CA ILE A 4 -1.79 -1.34 -15.30
C ILE A 4 -0.64 -2.21 -14.75
N ILE A 5 0.06 -1.72 -13.76
CA ILE A 5 1.20 -2.49 -13.14
C ILE A 5 2.34 -2.68 -14.15
N GLY A 6 3.52 -2.21 -13.83
CA GLY A 6 4.68 -2.36 -14.77
C GLY A 6 5.62 -3.46 -14.26
N GLY A 7 6.05 -3.37 -13.02
CA GLY A 7 6.97 -4.40 -12.46
C GLY A 7 6.25 -5.75 -12.34
N LEU A 8 4.96 -5.73 -12.07
CA LEU A 8 4.18 -7.01 -11.94
C LEU A 8 4.77 -7.92 -10.84
N THR A 9 5.37 -7.33 -9.83
CA THR A 9 5.95 -8.15 -8.72
C THR A 9 5.45 -7.65 -7.35
N ILE A 10 4.36 -6.91 -7.34
CA ILE A 10 3.81 -6.39 -6.04
C ILE A 10 2.29 -6.40 -6.07
N PRO A 11 1.69 -6.53 -4.90
CA PRO A 11 0.21 -6.55 -4.80
C PRO A 11 -0.36 -5.12 -4.95
N PRO A 12 -1.23 -4.96 -5.91
CA PRO A 12 -1.85 -3.63 -6.17
C PRO A 12 -2.85 -3.26 -5.07
N VAL A 13 -3.67 -4.19 -4.64
CA VAL A 13 -4.67 -3.89 -3.56
C VAL A 13 -3.94 -3.58 -2.25
N VAL A 14 -2.99 -4.40 -1.87
CA VAL A 14 -2.24 -4.16 -0.60
C VAL A 14 -1.47 -2.84 -0.70
N ALA A 15 -0.87 -2.56 -1.83
CA ALA A 15 -0.10 -1.29 -2.00
C ALA A 15 -1.05 -0.08 -1.89
N LEU A 16 -2.23 -0.16 -2.46
CA LEU A 16 -3.19 0.97 -2.39
C LEU A 16 -3.65 1.20 -0.94
N VAL A 17 -3.87 0.15 -0.19
CA VAL A 17 -4.31 0.30 1.23
C VAL A 17 -3.23 0.99 2.06
N VAL A 18 -1.98 0.72 1.76
CA VAL A 18 -0.86 1.36 2.52
C VAL A 18 -0.57 2.77 1.99
N MET A 19 -0.78 2.99 0.70
CA MET A 19 -0.52 4.34 0.11
C MET A 19 -1.33 5.42 0.84
N SER A 20 -2.63 5.26 0.92
CA SER A 20 -3.48 6.26 1.62
C SER A 20 -3.12 6.28 3.12
N ARG A 21 -2.93 5.13 3.72
CA ARG A 21 -2.56 5.07 5.17
C ARG A 21 -1.25 5.84 5.40
N PHE A 22 -0.30 5.72 4.50
CA PHE A 22 0.99 6.44 4.67
C PHE A 22 0.75 7.95 4.70
N GLY A 23 -0.02 8.46 3.76
CA GLY A 23 -0.31 9.93 3.74
C GLY A 23 -1.12 10.30 5.00
N PHE A 24 -2.08 9.48 5.35
CA PHE A 24 -2.90 9.77 6.57
C PHE A 24 -2.00 9.82 7.82
N PHE A 25 -1.05 8.92 7.90
CA PHE A 25 -0.12 8.91 9.08
C PHE A 25 0.73 10.18 9.10
N ALA A 26 1.21 10.61 7.96
CA ALA A 26 2.05 11.86 7.91
C ALA A 26 1.21 13.07 8.33
N HIS A 27 -0.05 13.09 7.97
CA HIS A 27 -0.93 14.24 8.35
C HIS A 27 -1.24 14.21 9.86
N LEU A 28 -1.32 13.03 10.43
CA LEU A 28 -1.63 12.93 11.90
C LEU A 28 -0.33 13.01 12.72
N LEU A 29 0.67 12.24 12.34
CA LEU A 29 1.96 12.27 13.10
C LEU A 29 2.93 13.27 12.45
N PRO A 30 3.25 14.31 13.18
CA PRO A 30 4.18 15.36 12.67
C PRO A 30 5.63 14.83 12.66
N ARG A 31 6.00 14.12 11.63
CA ARG A 31 7.39 13.57 11.56
C ARG A 31 7.88 13.58 10.10
N ASP A 1 10.43 -14.98 -16.50
CA ASP A 1 10.09 -16.30 -17.10
C ASP A 1 8.74 -16.23 -17.80
N THR A 2 8.63 -16.76 -19.00
CA THR A 2 7.34 -16.72 -19.73
C THR A 2 6.31 -17.65 -19.07
N GLU A 3 5.33 -17.08 -18.41
CA GLU A 3 4.30 -17.91 -17.73
C GLU A 3 2.91 -17.58 -18.28
N ILE A 4 2.39 -18.41 -19.16
CA ILE A 4 1.04 -18.17 -19.79
C ILE A 4 0.72 -16.67 -19.94
N ILE A 5 1.56 -15.97 -20.67
CA ILE A 5 1.35 -14.49 -20.89
C ILE A 5 1.26 -13.76 -19.54
N GLY A 6 2.22 -13.98 -18.67
CA GLY A 6 2.22 -13.32 -17.34
C GLY A 6 3.11 -12.06 -17.40
N GLY A 7 2.53 -10.90 -17.25
CA GLY A 7 3.34 -9.65 -17.29
C GLY A 7 3.61 -9.14 -15.87
N LEU A 8 2.64 -8.56 -15.22
CA LEU A 8 2.85 -8.04 -13.84
C LEU A 8 1.53 -8.13 -13.05
N THR A 9 1.11 -9.32 -12.71
CA THR A 9 -0.18 -9.48 -11.94
C THR A 9 0.06 -9.20 -10.45
N ILE A 10 -0.21 -7.98 -10.03
CA ILE A 10 -0.02 -7.63 -8.59
C ILE A 10 -1.28 -6.93 -8.05
N PRO A 11 -1.49 -7.07 -6.76
CA PRO A 11 -2.68 -6.44 -6.12
C PRO A 11 -2.48 -4.92 -5.93
N PRO A 12 -3.28 -4.16 -6.62
CA PRO A 12 -3.18 -2.68 -6.53
C PRO A 12 -3.75 -2.16 -5.19
N VAL A 13 -4.82 -2.77 -4.72
CA VAL A 13 -5.42 -2.32 -3.42
C VAL A 13 -4.45 -2.58 -2.26
N VAL A 14 -3.80 -3.72 -2.24
CA VAL A 14 -2.82 -4.02 -1.15
C VAL A 14 -1.75 -2.93 -1.10
N ALA A 15 -1.17 -2.61 -2.23
CA ALA A 15 -0.13 -1.53 -2.26
C ALA A 15 -0.76 -0.18 -1.90
N LEU A 16 -2.00 0.03 -2.30
CA LEU A 16 -2.69 1.32 -1.99
C LEU A 16 -2.91 1.43 -0.47
N VAL A 17 -3.31 0.37 0.18
CA VAL A 17 -3.53 0.42 1.66
C VAL A 17 -2.21 0.76 2.38
N VAL A 18 -1.11 0.21 1.93
CA VAL A 18 0.20 0.50 2.58
C VAL A 18 0.57 1.98 2.36
N MET A 19 0.43 2.47 1.15
CA MET A 19 0.75 3.90 0.86
C MET A 19 -0.28 4.83 1.52
N SER A 20 -1.54 4.43 1.52
CA SER A 20 -2.60 5.28 2.15
C SER A 20 -2.40 5.34 3.67
N ARG A 21 -2.06 4.23 4.29
CA ARG A 21 -1.85 4.24 5.78
C ARG A 21 -0.80 5.28 6.17
N PHE A 22 0.30 5.33 5.45
CA PHE A 22 1.36 6.34 5.78
C PHE A 22 0.95 7.72 5.28
N GLY A 23 0.34 7.78 4.10
CA GLY A 23 -0.11 9.10 3.55
C GLY A 23 -1.13 9.73 4.50
N PHE A 24 -2.08 8.96 4.98
CA PHE A 24 -3.11 9.50 5.92
C PHE A 24 -2.43 9.96 7.21
N PHE A 25 -1.49 9.19 7.71
CA PHE A 25 -0.79 9.58 8.98
C PHE A 25 -0.05 10.92 8.79
N ALA A 26 0.50 11.14 7.63
CA ALA A 26 1.24 12.42 7.37
C ALA A 26 0.27 13.61 7.46
N HIS A 27 -0.98 13.41 7.11
CA HIS A 27 -1.97 14.54 7.18
C HIS A 27 -2.82 14.45 8.46
N LEU A 28 -2.68 13.39 9.23
CA LEU A 28 -3.49 13.26 10.48
C LEU A 28 -2.61 13.56 11.71
N LEU A 29 -1.59 12.75 11.93
CA LEU A 29 -0.67 12.97 13.11
C LEU A 29 -1.44 12.86 14.44
N PRO A 30 -0.70 12.86 15.53
CA PRO A 30 -1.33 12.76 16.86
C PRO A 30 -2.04 14.07 17.23
N ARG A 31 -3.34 14.05 17.33
CA ARG A 31 -4.11 15.28 17.69
C ARG A 31 -5.30 14.94 18.59
N ASP A 1 -8.65 -19.81 -24.32
CA ASP A 1 -8.22 -19.85 -22.88
C ASP A 1 -8.36 -21.27 -22.32
N THR A 2 -7.60 -21.61 -21.31
CA THR A 2 -7.68 -22.97 -20.71
C THR A 2 -7.75 -22.89 -19.18
N GLU A 3 -8.57 -23.72 -18.57
CA GLU A 3 -8.70 -23.72 -17.07
C GLU A 3 -9.06 -22.32 -16.53
N ILE A 4 -9.79 -21.54 -17.29
CA ILE A 4 -10.18 -20.16 -16.84
C ILE A 4 -8.94 -19.33 -16.49
N ILE A 5 -8.49 -18.52 -17.42
CA ILE A 5 -7.28 -17.66 -17.15
C ILE A 5 -7.55 -16.67 -15.99
N GLY A 6 -8.80 -16.36 -15.75
CA GLY A 6 -9.14 -15.42 -14.64
C GLY A 6 -9.38 -16.21 -13.36
N GLY A 7 -8.34 -16.78 -12.80
CA GLY A 7 -8.52 -17.58 -11.54
C GLY A 7 -8.41 -16.65 -10.33
N LEU A 8 -7.35 -15.88 -10.25
CA LEU A 8 -7.17 -14.94 -9.09
C LEU A 8 -6.09 -13.89 -9.42
N THR A 9 -6.44 -12.91 -10.20
CA THR A 9 -5.44 -11.85 -10.56
C THR A 9 -5.20 -10.92 -9.37
N ILE A 10 -4.04 -11.00 -8.78
CA ILE A 10 -3.72 -10.13 -7.59
C ILE A 10 -4.01 -8.65 -7.89
N PRO A 11 -5.01 -8.12 -7.23
CA PRO A 11 -5.39 -6.71 -7.42
C PRO A 11 -4.48 -5.77 -6.61
N PRO A 12 -4.14 -4.64 -7.20
CA PRO A 12 -3.26 -3.66 -6.53
C PRO A 12 -4.06 -2.87 -5.47
N VAL A 13 -4.58 -3.56 -4.49
CA VAL A 13 -5.37 -2.87 -3.42
C VAL A 13 -4.55 -2.81 -2.12
N VAL A 14 -3.93 -3.91 -1.75
CA VAL A 14 -3.09 -3.94 -0.51
C VAL A 14 -1.95 -2.92 -0.62
N ALA A 15 -1.28 -2.88 -1.76
CA ALA A 15 -0.15 -1.91 -1.94
C ALA A 15 -0.67 -0.46 -1.85
N LEU A 16 -1.82 -0.19 -2.41
CA LEU A 16 -2.37 1.20 -2.35
C LEU A 16 -2.72 1.57 -0.91
N VAL A 17 -3.27 0.65 -0.15
CA VAL A 17 -3.62 0.95 1.27
C VAL A 17 -2.34 1.25 2.07
N VAL A 18 -1.27 0.53 1.82
CA VAL A 18 0.01 0.79 2.55
C VAL A 18 0.50 2.20 2.23
N MET A 19 0.51 2.58 0.97
CA MET A 19 0.95 3.95 0.60
C MET A 19 -0.03 4.98 1.18
N SER A 20 -1.31 4.72 1.06
CA SER A 20 -2.33 5.67 1.62
C SER A 20 -2.18 5.77 3.14
N ARG A 21 -1.90 4.67 3.80
CA ARG A 21 -1.74 4.70 5.29
C ARG A 21 -0.60 5.67 5.67
N PHE A 22 0.49 5.64 4.95
CA PHE A 22 1.62 6.57 5.26
C PHE A 22 1.15 8.02 5.09
N GLY A 23 0.46 8.31 4.01
CA GLY A 23 -0.05 9.70 3.77
C GLY A 23 -1.10 10.03 4.82
N PHE A 24 -1.95 9.08 5.17
CA PHE A 24 -3.00 9.34 6.19
C PHE A 24 -2.36 9.70 7.54
N PHE A 25 -1.35 8.96 7.94
CA PHE A 25 -0.67 9.26 9.24
C PHE A 25 -0.09 10.69 9.21
N ALA A 26 0.48 11.08 8.09
CA ALA A 26 1.05 12.46 7.99
C ALA A 26 -0.06 13.51 8.04
N HIS A 27 -1.24 13.16 7.57
CA HIS A 27 -2.39 14.13 7.58
C HIS A 27 -3.05 14.16 8.97
N LEU A 28 -2.66 13.28 9.87
CA LEU A 28 -3.27 13.26 11.23
C LEU A 28 -2.44 14.15 12.19
N LEU A 29 -2.11 15.34 11.77
CA LEU A 29 -1.31 16.26 12.64
C LEU A 29 -2.23 17.24 13.38
N PRO A 30 -1.70 17.84 14.42
CA PRO A 30 -2.49 18.81 15.22
C PRO A 30 -2.65 20.13 14.47
N ARG A 31 -3.86 20.61 14.34
CA ARG A 31 -4.09 21.91 13.62
C ARG A 31 -4.56 22.99 14.59
#